data_6STJ
#
_entry.id   6STJ
#
_cell.length_a   92.142
_cell.length_b   107.498
_cell.length_c   226.154
_cell.angle_alpha   90.000
_cell.angle_beta   90.000
_cell.angle_gamma   90.000
#
_symmetry.space_group_name_H-M   'C 2 2 21'
#
loop_
_entity.id
_entity.type
_entity.pdbx_description
1 polymer 'Induced myeloid leukemia cell differentiation protein Mcl-1'
2 polymer 'Cystatin domain-containing protein'
3 water water
#
loop_
_entity_poly.entity_id
_entity_poly.type
_entity_poly.pdbx_seq_one_letter_code
_entity_poly.pdbx_strand_id
1 'polypeptide(L)'
;SELYRQSLEIISRYLREQATGAKDTKPMGRSGATSRKALETLRRVGDGVQRNHETAFQGMLRKLDIKNEDDVKSLSRVMI
HVFSDGVTNWGRIVTLISFGAFVAKHLKTINQESCIEPLAESITDVLVRTKRDWLVKQRGWDGFVEFFHVEDLEGG
;
A,B,C,D
2 'polypeptide(L)'
;SENSLEIEELARFAVDEHNKKENALLEFVRVVKAKEQMGVNPEEMQTMYYLTLEAKDGGKKKLYEAKVWVKWWWGFHIWD
NFKELQEFKPV
;
E,F,G,H
#
# COMPACT_ATOMS: atom_id res chain seq x y z
N SER A 1 -14.14 2.00 -30.44
CA SER A 1 -14.30 0.92 -29.41
C SER A 1 -15.24 1.40 -28.30
N GLU A 2 -15.91 0.48 -27.62
CA GLU A 2 -16.93 0.82 -26.59
C GLU A 2 -16.24 1.43 -25.37
N LEU A 3 -15.09 0.89 -24.96
CA LEU A 3 -14.28 1.48 -23.87
C LEU A 3 -14.05 2.96 -24.18
N TYR A 4 -13.66 3.28 -25.42
CA TYR A 4 -13.36 4.68 -25.81
C TYR A 4 -14.63 5.52 -25.70
N ARG A 5 -15.74 5.09 -26.32
CA ARG A 5 -17.00 5.88 -26.40
C ARG A 5 -17.54 6.11 -24.97
N GLN A 6 -17.44 5.11 -24.10
CA GLN A 6 -17.85 5.20 -22.68
C GLN A 6 -16.99 6.24 -21.96
N SER A 7 -15.66 6.09 -22.02
CA SER A 7 -14.67 6.96 -21.35
C SER A 7 -14.87 8.42 -21.80
N LEU A 8 -15.10 8.65 -23.10
CA LEU A 8 -15.29 10.02 -23.63
C LEU A 8 -16.61 10.59 -23.09
N GLU A 9 -17.70 9.80 -23.12
CA GLU A 9 -19.04 10.24 -22.65
C GLU A 9 -18.94 10.70 -21.19
N ILE A 10 -18.29 9.89 -20.33
CA ILE A 10 -18.15 10.12 -18.86
C ILE A 10 -17.32 11.39 -18.61
N ILE A 11 -16.09 11.41 -19.12
CA ILE A 11 -15.11 12.49 -18.87
C ILE A 11 -15.62 13.80 -19.47
N SER A 12 -16.20 13.77 -20.68
CA SER A 12 -16.80 14.97 -21.34
C SER A 12 -17.92 15.54 -20.44
N ARG A 13 -18.88 14.71 -20.07
CA ARG A 13 -20.07 15.15 -19.29
C ARG A 13 -19.61 15.69 -17.92
N TYR A 14 -18.66 15.04 -17.26
CA TYR A 14 -18.18 15.47 -15.91
C TYR A 14 -17.44 16.80 -16.03
N LEU A 15 -16.57 16.98 -17.03
CA LEU A 15 -15.80 18.24 -17.18
C LEU A 15 -16.77 19.38 -17.50
N ARG A 16 -17.74 19.13 -18.39
CA ARG A 16 -18.71 20.16 -18.84
C ARG A 16 -19.53 20.63 -17.63
N GLU A 17 -20.12 19.71 -16.87
CA GLU A 17 -21.08 20.04 -15.77
C GLU A 17 -20.32 20.58 -14.54
N GLN A 18 -19.03 20.31 -14.44
CA GLN A 18 -18.12 20.92 -13.44
C GLN A 18 -17.84 22.37 -13.82
N ALA A 19 -17.66 22.66 -15.11
CA ALA A 19 -17.37 24.03 -15.62
C ALA A 19 -18.63 24.90 -15.59
N THR A 20 -19.83 24.31 -15.79
CA THR A 20 -21.11 25.06 -15.80
C THR A 20 -21.48 25.45 -14.36
N GLY A 21 -22.04 24.49 -13.59
CA GLY A 21 -22.68 24.73 -12.29
C GLY A 21 -23.29 23.47 -11.67
N ALA A 22 -23.90 22.59 -12.48
CA ALA A 22 -24.61 21.37 -12.05
C ALA A 22 -23.83 20.13 -12.48
N ALA A 33 -26.05 2.60 -18.86
CA ALA A 33 -26.31 2.53 -17.40
C ALA A 33 -24.98 2.65 -16.62
N THR A 34 -24.03 1.76 -16.90
CA THR A 34 -22.65 1.76 -16.31
C THR A 34 -22.04 3.17 -16.38
N SER A 35 -22.26 3.88 -17.49
CA SER A 35 -21.87 5.30 -17.71
C SER A 35 -22.53 6.23 -16.70
N ARG A 36 -23.80 5.96 -16.37
CA ARG A 36 -24.63 6.75 -15.40
C ARG A 36 -24.01 6.59 -14.00
N LYS A 37 -23.56 5.39 -13.66
CA LYS A 37 -22.99 5.05 -12.32
C LYS A 37 -21.55 5.56 -12.21
N ALA A 38 -20.76 5.48 -13.28
CA ALA A 38 -19.39 6.02 -13.32
C ALA A 38 -19.46 7.53 -13.08
N LEU A 39 -20.44 8.19 -13.71
CA LEU A 39 -20.65 9.66 -13.60
C LEU A 39 -21.16 9.99 -12.19
N GLU A 40 -22.06 9.19 -11.63
CA GLU A 40 -22.50 9.28 -10.22
C GLU A 40 -21.28 9.20 -9.30
N THR A 41 -20.42 8.19 -9.49
CA THR A 41 -19.17 8.01 -8.71
C THR A 41 -18.26 9.23 -8.84
N LEU A 42 -18.14 9.79 -10.06
CA LEU A 42 -17.24 10.94 -10.35
C LEU A 42 -17.77 12.18 -9.62
N ARG A 43 -19.08 12.40 -9.60
CA ARG A 43 -19.72 13.53 -8.88
C ARG A 43 -19.45 13.42 -7.38
N ARG A 44 -19.56 12.22 -6.80
CA ARG A 44 -19.22 12.01 -5.38
C ARG A 44 -17.74 12.37 -5.18
N VAL A 45 -16.85 11.73 -5.93
CA VAL A 45 -15.40 11.67 -5.57
C VAL A 45 -14.64 12.88 -6.11
N GLY A 46 -14.80 13.20 -7.40
CA GLY A 46 -14.06 14.31 -8.04
C GLY A 46 -14.19 15.60 -7.25
N ASP A 47 -15.39 15.88 -6.76
CA ASP A 47 -15.69 17.13 -5.99
C ASP A 47 -14.83 17.16 -4.72
N GLY A 48 -14.67 16.03 -4.01
CA GLY A 48 -13.82 15.92 -2.81
C GLY A 48 -12.34 15.92 -3.15
N VAL A 49 -11.95 15.29 -4.26
CA VAL A 49 -10.53 15.25 -4.69
C VAL A 49 -10.09 16.66 -5.08
N GLN A 50 -10.93 17.42 -5.78
CA GLN A 50 -10.62 18.84 -6.12
C GLN A 50 -10.42 19.69 -4.87
N ARG A 51 -11.35 19.59 -3.90
CA ARG A 51 -11.28 20.30 -2.60
C ARG A 51 -9.92 20.02 -1.93
N ASN A 52 -9.56 18.73 -1.80
CA ASN A 52 -8.34 18.25 -1.11
C ASN A 52 -7.08 18.75 -1.82
N HIS A 53 -7.08 18.84 -3.16
CA HIS A 53 -5.90 19.16 -4.00
C HIS A 53 -5.94 20.61 -4.48
N GLU A 54 -6.87 21.43 -3.96
CA GLU A 54 -7.15 22.80 -4.46
C GLU A 54 -5.83 23.56 -4.57
N THR A 55 -5.08 23.66 -3.48
CA THR A 55 -3.77 24.35 -3.38
C THR A 55 -2.79 23.78 -4.41
N ALA A 56 -2.55 22.47 -4.41
CA ALA A 56 -1.61 21.82 -5.36
C ALA A 56 -2.02 22.13 -6.82
N PHE A 57 -3.31 22.03 -7.14
CA PHE A 57 -3.86 22.27 -8.50
C PHE A 57 -3.66 23.72 -8.94
N GLN A 58 -3.87 24.67 -8.03
CA GLN A 58 -3.65 26.13 -8.25
C GLN A 58 -2.16 26.36 -8.52
N GLY A 59 -1.27 25.74 -7.73
CA GLY A 59 0.18 25.83 -7.91
C GLY A 59 0.62 25.37 -9.28
N MET A 60 0.13 24.21 -9.72
CA MET A 60 0.43 23.63 -11.05
C MET A 60 -0.04 24.60 -12.13
N LEU A 61 -1.30 25.01 -12.05
CA LEU A 61 -1.98 25.86 -13.07
C LEU A 61 -1.23 27.16 -13.30
N ARG A 62 -0.77 27.85 -12.23
CA ARG A 62 -0.01 29.13 -12.26
C ARG A 62 1.30 29.00 -13.05
N LYS A 63 1.80 27.77 -13.26
CA LYS A 63 3.14 27.49 -13.84
C LYS A 63 3.01 26.68 -15.14
N LEU A 64 1.81 26.65 -15.73
CA LEU A 64 1.56 25.99 -17.04
C LEU A 64 0.83 26.96 -17.97
N ASP A 65 1.12 26.88 -19.27
CA ASP A 65 0.44 27.64 -20.35
C ASP A 65 -0.73 26.78 -20.83
N ILE A 66 -1.92 27.36 -20.95
CA ILE A 66 -3.11 26.66 -21.54
C ILE A 66 -3.81 27.65 -22.47
N LYS A 67 -3.08 28.07 -23.51
CA LYS A 67 -3.43 29.22 -24.39
C LYS A 67 -4.19 28.74 -25.64
N ASN A 68 -3.94 27.51 -26.08
CA ASN A 68 -4.50 26.98 -27.35
C ASN A 68 -4.68 25.46 -27.21
N GLU A 69 -5.12 24.80 -28.29
CA GLU A 69 -5.39 23.34 -28.32
C GLU A 69 -4.07 22.56 -28.29
N ASP A 70 -2.99 23.12 -28.86
CA ASP A 70 -1.63 22.54 -28.78
C ASP A 70 -1.22 22.42 -27.30
N ASP A 71 -1.51 23.45 -26.50
CA ASP A 71 -1.19 23.44 -25.04
C ASP A 71 -2.09 22.42 -24.34
N VAL A 72 -3.36 22.33 -24.72
CA VAL A 72 -4.30 21.30 -24.20
C VAL A 72 -3.75 19.90 -24.53
N LYS A 73 -3.26 19.68 -25.76
CA LYS A 73 -2.71 18.36 -26.18
C LYS A 73 -1.47 18.06 -25.34
N SER A 74 -0.57 19.03 -25.26
CA SER A 74 0.72 18.94 -24.52
C SER A 74 0.46 18.60 -23.05
N LEU A 75 -0.56 19.25 -22.46
CA LEU A 75 -0.92 19.08 -21.03
C LEU A 75 -1.44 17.66 -20.80
N SER A 76 -2.23 17.11 -21.72
CA SER A 76 -2.75 15.72 -21.58
C SER A 76 -1.57 14.76 -21.52
N ARG A 77 -0.55 14.99 -22.35
CA ARG A 77 0.66 14.10 -22.41
C ARG A 77 1.41 14.13 -21.08
N VAL A 78 1.66 15.30 -20.49
CA VAL A 78 2.45 15.40 -19.22
C VAL A 78 1.60 14.91 -18.05
N MET A 79 0.26 15.02 -18.13
CA MET A 79 -0.67 14.48 -17.10
C MET A 79 -0.52 12.95 -17.03
N ILE A 80 -0.51 12.23 -18.15
CA ILE A 80 -0.47 10.73 -18.17
C ILE A 80 0.91 10.21 -17.72
N HIS A 81 1.98 10.94 -18.03
CA HIS A 81 3.39 10.56 -17.73
C HIS A 81 3.57 10.21 -16.24
N VAL A 82 2.61 10.59 -15.38
CA VAL A 82 2.68 10.42 -13.89
C VAL A 82 2.71 8.95 -13.50
N PHE A 83 2.34 8.01 -14.38
CA PHE A 83 2.18 6.56 -14.06
C PHE A 83 3.49 5.78 -14.23
N SER A 84 4.60 6.45 -14.51
CA SER A 84 5.91 5.82 -14.88
C SER A 84 6.65 5.25 -13.67
N ASP A 85 6.22 5.55 -12.43
CA ASP A 85 6.79 4.93 -11.19
C ASP A 85 6.28 3.48 -11.05
N GLY A 86 5.38 3.06 -11.94
CA GLY A 86 4.94 1.66 -12.09
C GLY A 86 3.72 1.35 -11.25
N VAL A 87 2.89 2.35 -10.94
CA VAL A 87 1.66 2.18 -10.10
C VAL A 87 0.48 2.85 -10.80
N THR A 88 -0.54 2.06 -11.12
CA THR A 88 -1.82 2.51 -11.72
C THR A 88 -2.98 2.06 -10.81
N ASN A 89 -3.86 2.99 -10.40
CA ASN A 89 -5.09 2.68 -9.63
C ASN A 89 -6.16 3.73 -9.94
N TRP A 90 -7.40 3.49 -9.53
CA TRP A 90 -8.57 4.37 -9.81
C TRP A 90 -8.48 5.68 -9.02
N GLY A 91 -7.75 5.70 -7.91
CA GLY A 91 -7.46 6.91 -7.13
C GLY A 91 -6.62 7.88 -7.95
N ARG A 92 -5.52 7.40 -8.53
CA ARG A 92 -4.66 8.22 -9.40
C ARG A 92 -5.45 8.64 -10.65
N ILE A 93 -6.27 7.76 -11.21
CA ILE A 93 -7.09 8.08 -12.42
C ILE A 93 -8.10 9.18 -12.06
N VAL A 94 -8.80 9.08 -10.93
CA VAL A 94 -9.86 10.07 -10.57
C VAL A 94 -9.17 11.41 -10.26
N THR A 95 -7.94 11.38 -9.74
CA THR A 95 -7.12 12.59 -9.49
C THR A 95 -6.81 13.27 -10.83
N LEU A 96 -6.41 12.50 -11.84
CA LEU A 96 -6.12 13.01 -13.20
C LEU A 96 -7.37 13.70 -13.77
N ILE A 97 -8.54 13.08 -13.66
CA ILE A 97 -9.84 13.58 -14.22
C ILE A 97 -10.27 14.83 -13.43
N SER A 98 -10.06 14.82 -12.11
CA SER A 98 -10.39 15.93 -11.17
C SER A 98 -9.55 17.16 -11.50
N PHE A 99 -8.27 16.96 -11.82
CA PHE A 99 -7.40 18.03 -12.36
C PHE A 99 -8.00 18.55 -13.68
N GLY A 100 -8.46 17.65 -14.54
CA GLY A 100 -9.16 18.00 -15.79
C GLY A 100 -10.32 18.93 -15.53
N ALA A 101 -11.18 18.58 -14.56
CA ALA A 101 -12.36 19.37 -14.13
C ALA A 101 -11.91 20.75 -13.62
N PHE A 102 -10.85 20.79 -12.80
CA PHE A 102 -10.26 22.03 -12.21
C PHE A 102 -9.82 22.95 -13.35
N VAL A 103 -9.17 22.38 -14.36
CA VAL A 103 -8.65 23.12 -15.55
C VAL A 103 -9.85 23.61 -16.38
N ALA A 104 -10.89 22.79 -16.55
CA ALA A 104 -12.14 23.16 -17.27
C ALA A 104 -12.78 24.39 -16.62
N LYS A 105 -12.89 24.43 -15.28
CA LYS A 105 -13.46 25.59 -14.54
C LYS A 105 -12.61 26.83 -14.81
N HIS A 106 -11.29 26.69 -14.80
CA HIS A 106 -10.34 27.80 -15.07
C HIS A 106 -10.55 28.30 -16.50
N LEU A 107 -10.65 27.40 -17.47
CA LEU A 107 -10.88 27.73 -18.90
C LEU A 107 -12.21 28.49 -19.06
N LYS A 108 -13.26 28.11 -18.31
CA LYS A 108 -14.50 28.93 -18.29
C LYS A 108 -14.18 30.33 -17.73
N THR A 109 -13.41 30.41 -16.65
CA THR A 109 -13.09 31.69 -15.95
C THR A 109 -12.41 32.66 -16.93
N ILE A 110 -11.47 32.20 -17.76
CA ILE A 110 -10.67 33.07 -18.70
C ILE A 110 -11.27 33.03 -20.11
N ASN A 111 -12.55 32.68 -20.22
CA ASN A 111 -13.34 32.79 -21.47
C ASN A 111 -12.70 31.95 -22.57
N GLN A 112 -12.23 30.74 -22.23
CA GLN A 112 -11.69 29.75 -23.20
C GLN A 112 -12.55 28.47 -23.17
N GLU A 113 -13.88 28.63 -23.17
CA GLU A 113 -14.86 27.50 -23.04
C GLU A 113 -14.70 26.50 -24.20
N SER A 114 -14.21 26.97 -25.36
CA SER A 114 -14.02 26.16 -26.59
C SER A 114 -12.85 25.17 -26.43
N CYS A 115 -12.04 25.30 -25.38
CA CYS A 115 -10.89 24.41 -25.08
C CYS A 115 -11.34 23.25 -24.18
N ILE A 116 -12.56 23.30 -23.63
CA ILE A 116 -13.02 22.37 -22.56
C ILE A 116 -13.26 21.00 -23.18
N GLU A 117 -14.03 20.90 -24.27
CA GLU A 117 -14.32 19.60 -24.96
C GLU A 117 -13.02 19.02 -25.53
N PRO A 118 -12.15 19.79 -26.23
CA PRO A 118 -10.84 19.27 -26.62
C PRO A 118 -10.00 18.73 -25.44
N LEU A 119 -10.05 19.40 -24.30
CA LEU A 119 -9.33 18.92 -23.08
C LEU A 119 -9.86 17.54 -22.67
N ALA A 120 -11.20 17.39 -22.64
CA ALA A 120 -11.88 16.11 -22.29
C ALA A 120 -11.44 15.03 -23.27
N GLU A 121 -11.40 15.35 -24.58
CA GLU A 121 -11.03 14.42 -25.67
C GLU A 121 -9.57 13.99 -25.51
N SER A 122 -8.68 14.95 -25.25
CA SER A 122 -7.22 14.69 -25.14
C SER A 122 -6.93 13.83 -23.90
N ILE A 123 -7.62 14.07 -22.81
CA ILE A 123 -7.44 13.26 -21.57
C ILE A 123 -7.92 11.84 -21.85
N THR A 124 -9.13 11.71 -22.40
CA THR A 124 -9.73 10.42 -22.83
C THR A 124 -8.72 9.71 -23.74
N ASP A 125 -8.24 10.37 -24.80
CA ASP A 125 -7.33 9.76 -25.80
C ASP A 125 -6.12 9.15 -25.07
N VAL A 126 -5.44 9.95 -24.26
CA VAL A 126 -4.13 9.56 -23.66
C VAL A 126 -4.37 8.48 -22.60
N LEU A 127 -5.52 8.49 -21.93
CA LEU A 127 -5.86 7.51 -20.87
C LEU A 127 -6.13 6.13 -21.48
N VAL A 128 -6.98 6.06 -22.52
CA VAL A 128 -7.39 4.81 -23.20
C VAL A 128 -6.22 4.25 -24.01
N ARG A 129 -5.45 5.12 -24.69
CA ARG A 129 -4.28 4.69 -25.48
C ARG A 129 -3.25 4.01 -24.57
N THR A 130 -2.96 4.62 -23.41
CA THR A 130 -1.85 4.25 -22.50
C THR A 130 -2.27 3.12 -21.55
N LYS A 131 -3.54 3.07 -21.13
CA LYS A 131 -4.00 2.16 -20.04
C LYS A 131 -5.11 1.22 -20.52
N ARG A 132 -5.24 0.98 -21.82
CA ARG A 132 -6.31 0.10 -22.38
C ARG A 132 -6.26 -1.27 -21.67
N ASP A 133 -5.09 -1.90 -21.60
CA ASP A 133 -4.92 -3.28 -21.06
C ASP A 133 -5.33 -3.32 -19.59
N TRP A 134 -4.87 -2.37 -18.79
CA TRP A 134 -5.23 -2.24 -17.37
C TRP A 134 -6.73 -1.98 -17.25
N LEU A 135 -7.28 -1.06 -18.05
CA LEU A 135 -8.72 -0.68 -18.00
C LEU A 135 -9.58 -1.93 -18.25
N VAL A 136 -9.26 -2.70 -19.29
CA VAL A 136 -10.01 -3.93 -19.70
C VAL A 136 -10.00 -4.95 -18.56
N LYS A 137 -8.81 -5.21 -17.99
CA LYS A 137 -8.60 -6.16 -16.86
C LYS A 137 -9.44 -5.77 -15.63
N GLN A 138 -9.77 -4.47 -15.46
CA GLN A 138 -10.62 -3.95 -14.36
C GLN A 138 -12.11 -4.03 -14.71
N ARG A 139 -12.48 -4.65 -15.84
CA ARG A 139 -13.86 -4.61 -16.39
C ARG A 139 -14.26 -3.14 -16.59
N GLY A 140 -13.33 -2.33 -17.09
CA GLY A 140 -13.58 -0.93 -17.48
C GLY A 140 -14.13 -0.11 -16.33
N TRP A 141 -15.18 0.67 -16.59
CA TRP A 141 -15.73 1.66 -15.64
C TRP A 141 -16.50 0.98 -14.51
N ASP A 142 -16.88 -0.29 -14.66
CA ASP A 142 -17.47 -1.09 -13.56
C ASP A 142 -16.43 -1.23 -12.43
N GLY A 143 -15.15 -1.40 -12.78
CA GLY A 143 -14.03 -1.42 -11.80
C GLY A 143 -13.98 -0.12 -11.01
N PHE A 144 -14.16 1.01 -11.68
CA PHE A 144 -14.15 2.38 -11.10
C PHE A 144 -15.29 2.52 -10.09
N VAL A 145 -16.51 2.15 -10.51
CA VAL A 145 -17.73 2.21 -9.65
C VAL A 145 -17.47 1.38 -8.37
N GLU A 146 -16.91 0.18 -8.52
CA GLU A 146 -16.69 -0.78 -7.41
C GLU A 146 -15.62 -0.23 -6.45
N PHE A 147 -14.56 0.38 -6.97
CA PHE A 147 -13.44 0.91 -6.15
C PHE A 147 -13.98 1.95 -5.14
N PHE A 148 -15.00 2.71 -5.54
CA PHE A 148 -15.58 3.82 -4.73
C PHE A 148 -16.95 3.45 -4.19
N HIS A 149 -17.32 2.16 -4.24
CA HIS A 149 -18.56 1.63 -3.63
C HIS A 149 -18.24 1.33 -2.16
N VAL A 150 -19.08 1.81 -1.25
CA VAL A 150 -18.81 1.70 0.22
C VAL A 150 -19.07 0.25 0.63
N GLU A 151 -18.11 -0.38 1.31
CA GLU A 151 -18.25 -1.74 1.92
C GLU A 151 -19.71 -1.93 2.37
N SER B 1 23.33 -5.68 -23.37
CA SER B 1 23.17 -4.43 -22.59
C SER B 1 23.71 -4.63 -21.17
N GLU B 2 24.10 -3.54 -20.53
CA GLU B 2 24.67 -3.54 -19.16
C GLU B 2 23.64 -4.11 -18.17
N LEU B 3 22.44 -3.53 -18.18
CA LEU B 3 21.30 -3.93 -17.34
C LEU B 3 21.08 -5.45 -17.43
N TYR B 4 21.13 -6.01 -18.65
CA TYR B 4 20.91 -7.47 -18.85
C TYR B 4 22.07 -8.26 -18.21
N ARG B 5 23.32 -7.91 -18.54
CA ARG B 5 24.51 -8.64 -18.04
C ARG B 5 24.49 -8.66 -16.50
N GLN B 6 24.19 -7.51 -15.86
CA GLN B 6 24.09 -7.36 -14.39
C GLN B 6 22.95 -8.22 -13.84
N SER B 7 21.75 -8.08 -14.38
CA SER B 7 20.55 -8.83 -13.96
C SER B 7 20.85 -10.35 -14.00
N LEU B 8 21.48 -10.84 -15.06
CA LEU B 8 21.75 -12.30 -15.23
C LEU B 8 22.81 -12.74 -14.21
N GLU B 9 23.92 -12.01 -14.09
CA GLU B 9 24.99 -12.31 -13.10
C GLU B 9 24.37 -12.42 -11.70
N ILE B 10 23.55 -11.45 -11.28
CA ILE B 10 23.00 -11.38 -9.90
C ILE B 10 22.08 -12.57 -9.66
N ILE B 11 21.09 -12.77 -10.54
CA ILE B 11 20.02 -13.79 -10.37
C ILE B 11 20.62 -15.20 -10.51
N SER B 12 21.60 -15.43 -11.40
CA SER B 12 22.30 -16.72 -11.59
C SER B 12 23.12 -17.11 -10.34
N ARG B 13 23.97 -16.21 -9.86
CA ARG B 13 24.80 -16.45 -8.65
C ARG B 13 23.88 -16.74 -7.45
N TYR B 14 22.82 -15.95 -7.26
CA TYR B 14 21.88 -16.12 -6.12
C TYR B 14 21.21 -17.48 -6.22
N LEU B 15 20.62 -17.82 -7.37
CA LEU B 15 19.87 -19.11 -7.52
C LEU B 15 20.85 -20.28 -7.32
N ARG B 16 22.07 -20.17 -7.85
CA ARG B 16 23.12 -21.21 -7.78
C ARG B 16 23.46 -21.49 -6.31
N GLU B 17 23.76 -20.45 -5.53
CA GLU B 17 24.25 -20.59 -4.14
C GLU B 17 23.08 -21.01 -3.23
N GLN B 18 21.88 -20.51 -3.49
CA GLN B 18 20.66 -20.97 -2.78
C GLN B 18 20.47 -22.48 -3.01
N ALA B 19 20.60 -22.96 -4.25
CA ALA B 19 20.38 -24.39 -4.58
C ALA B 19 21.51 -25.24 -3.97
N THR B 20 22.67 -24.63 -3.78
CA THR B 20 23.93 -25.25 -3.27
C THR B 20 23.89 -25.29 -1.74
N GLY B 21 23.88 -24.11 -1.11
CA GLY B 21 23.89 -23.94 0.36
C GLY B 21 24.84 -22.83 0.82
N ALA B 22 26.06 -22.77 0.26
CA ALA B 22 27.17 -21.93 0.75
C ALA B 22 27.36 -20.71 -0.16
N LYS B 23 28.52 -20.05 -0.07
CA LYS B 23 28.88 -18.80 -0.79
C LYS B 23 29.98 -19.09 -1.81
N ALA B 33 30.75 -3.32 -8.10
CA ALA B 33 30.18 -2.77 -6.84
C ALA B 33 28.66 -2.95 -6.84
N THR B 34 27.97 -2.30 -7.78
CA THR B 34 26.48 -2.38 -7.93
C THR B 34 26.07 -3.85 -7.86
N SER B 35 26.69 -4.70 -8.68
CA SER B 35 26.38 -6.16 -8.81
C SER B 35 26.67 -6.87 -7.48
N ARG B 36 27.81 -6.56 -6.85
CA ARG B 36 28.25 -7.12 -5.55
C ARG B 36 27.23 -6.75 -4.46
N LYS B 37 26.88 -5.45 -4.37
CA LYS B 37 25.97 -4.90 -3.34
C LYS B 37 24.55 -5.45 -3.55
N ALA B 38 24.12 -5.61 -4.80
CA ALA B 38 22.80 -6.19 -5.16
C ALA B 38 22.72 -7.64 -4.67
N LEU B 39 23.84 -8.38 -4.75
CA LEU B 39 23.89 -9.81 -4.36
C LEU B 39 23.89 -9.92 -2.83
N GLU B 40 24.60 -9.03 -2.15
CA GLU B 40 24.62 -8.92 -0.66
C GLU B 40 23.21 -8.56 -0.16
N THR B 41 22.55 -7.58 -0.78
CA THR B 41 21.15 -7.19 -0.49
C THR B 41 20.25 -8.43 -0.66
N LEU B 42 20.31 -9.09 -1.82
CA LEU B 42 19.47 -10.27 -2.15
C LEU B 42 19.66 -11.36 -1.08
N ARG B 43 20.89 -11.57 -0.62
CA ARG B 43 21.22 -12.60 0.40
C ARG B 43 20.56 -12.26 1.75
N ARG B 44 20.62 -11.01 2.17
CA ARG B 44 19.89 -10.52 3.38
C ARG B 44 18.40 -10.86 3.20
N VAL B 45 17.79 -10.41 2.11
CA VAL B 45 16.32 -10.23 1.99
C VAL B 45 15.66 -11.54 1.54
N GLY B 46 16.18 -12.17 0.49
CA GLY B 46 15.58 -13.34 -0.17
C GLY B 46 15.42 -14.49 0.80
N ASP B 47 16.41 -14.69 1.65
CA ASP B 47 16.38 -15.71 2.73
C ASP B 47 15.20 -15.41 3.67
N GLY B 48 14.99 -14.15 4.03
CA GLY B 48 13.83 -13.74 4.87
C GLY B 48 12.53 -13.92 4.10
N VAL B 49 12.52 -13.54 2.82
CA VAL B 49 11.29 -13.63 1.98
C VAL B 49 10.93 -15.10 1.78
N GLN B 50 11.90 -15.96 1.49
CA GLN B 50 11.67 -17.43 1.34
C GLN B 50 11.06 -18.01 2.63
N ARG B 51 11.57 -17.64 3.81
CA ARG B 51 11.06 -18.11 5.11
C ARG B 51 9.59 -17.68 5.27
N ASN B 52 9.28 -16.41 5.03
CA ASN B 52 7.91 -15.85 5.20
C ASN B 52 6.92 -16.51 4.23
N HIS B 53 7.36 -16.82 3.01
CA HIS B 53 6.49 -17.35 1.93
C HIS B 53 6.63 -18.88 1.81
N GLU B 54 7.45 -19.50 2.68
CA GLU B 54 7.78 -20.94 2.63
C GLU B 54 6.51 -21.73 2.31
N THR B 55 5.45 -21.50 3.08
CA THR B 55 4.20 -22.29 3.00
C THR B 55 3.55 -22.07 1.64
N ALA B 56 3.39 -20.82 1.20
CA ALA B 56 2.74 -20.44 -0.07
C ALA B 56 3.54 -21.01 -1.26
N PHE B 57 4.87 -20.95 -1.19
CA PHE B 57 5.80 -21.42 -2.23
C PHE B 57 5.65 -22.94 -2.39
N GLN B 58 5.66 -23.67 -1.27
CA GLN B 58 5.38 -25.13 -1.19
C GLN B 58 4.03 -25.43 -1.85
N GLY B 59 3.00 -24.63 -1.56
CA GLY B 59 1.64 -24.78 -2.12
C GLY B 59 1.64 -24.69 -3.64
N MET B 60 2.28 -23.66 -4.19
CA MET B 60 2.37 -23.40 -5.65
C MET B 60 3.13 -24.57 -6.31
N LEU B 61 4.28 -24.93 -5.75
CA LEU B 61 5.20 -25.96 -6.30
C LEU B 61 4.49 -27.30 -6.44
N ARG B 62 3.72 -27.73 -5.43
CA ARG B 62 2.97 -29.03 -5.42
C ARG B 62 1.92 -29.07 -6.54
N LYS B 63 1.55 -27.92 -7.14
CA LYS B 63 0.49 -27.80 -8.18
C LYS B 63 1.07 -27.35 -9.53
N LEU B 64 2.40 -27.43 -9.72
CA LEU B 64 3.08 -27.06 -10.99
C LEU B 64 4.00 -28.20 -11.46
N ASP B 65 4.10 -28.39 -12.78
CA ASP B 65 5.07 -29.31 -13.41
C ASP B 65 6.32 -28.50 -13.76
N ILE B 66 7.50 -28.97 -13.33
CA ILE B 66 8.82 -28.41 -13.75
C ILE B 66 9.69 -29.59 -14.21
N LYS B 67 9.29 -30.25 -15.29
CA LYS B 67 9.86 -31.55 -15.74
C LYS B 67 10.86 -31.37 -16.89
N ASN B 68 10.90 -30.19 -17.52
CA ASN B 68 11.79 -29.91 -18.67
C ASN B 68 11.96 -28.39 -18.78
N GLU B 69 12.82 -27.96 -19.70
CA GLU B 69 13.15 -26.53 -19.98
C GLU B 69 11.91 -25.79 -20.49
N ASP B 70 11.02 -26.47 -21.23
CA ASP B 70 9.73 -25.90 -21.69
C ASP B 70 8.89 -25.48 -20.48
N ASP B 71 8.85 -26.33 -19.44
CA ASP B 71 8.13 -26.04 -18.18
C ASP B 71 8.81 -24.87 -17.46
N VAL B 72 10.15 -24.83 -17.43
CA VAL B 72 10.93 -23.70 -16.84
C VAL B 72 10.58 -22.39 -17.56
N LYS B 73 10.56 -22.39 -18.90
CA LYS B 73 10.25 -21.18 -19.70
C LYS B 73 8.80 -20.78 -19.41
N SER B 74 7.89 -21.77 -19.44
CA SER B 74 6.45 -21.64 -19.12
C SER B 74 6.29 -20.95 -17.76
N LEU B 75 7.03 -21.42 -16.76
CA LEU B 75 6.94 -20.92 -15.37
C LEU B 75 7.38 -19.45 -15.32
N SER B 76 8.48 -19.09 -16.00
CA SER B 76 8.98 -17.70 -16.05
C SER B 76 7.86 -16.79 -16.57
N ARG B 77 7.15 -17.21 -17.62
CA ARG B 77 6.07 -16.38 -18.24
C ARG B 77 4.94 -16.13 -17.23
N VAL B 78 4.46 -17.15 -16.51
CA VAL B 78 3.32 -17.01 -15.57
C VAL B 78 3.79 -16.30 -14.30
N MET B 79 5.08 -16.41 -13.96
CA MET B 79 5.66 -15.66 -12.80
C MET B 79 5.62 -14.14 -13.07
N ILE B 80 5.89 -13.66 -14.29
CA ILE B 80 5.90 -12.19 -14.61
C ILE B 80 4.47 -11.67 -14.74
N HIS B 81 3.50 -12.50 -15.14
CA HIS B 81 2.08 -12.10 -15.38
C HIS B 81 1.47 -11.43 -14.15
N VAL B 82 2.09 -11.56 -12.97
CA VAL B 82 1.55 -11.10 -11.65
C VAL B 82 1.49 -9.57 -11.58
N PHE B 83 2.26 -8.84 -12.40
CA PHE B 83 2.37 -7.35 -12.38
C PHE B 83 1.17 -6.69 -13.08
N SER B 84 0.33 -7.48 -13.76
CA SER B 84 -0.82 -7.02 -14.61
C SER B 84 -1.85 -6.19 -13.82
N ASP B 85 -1.84 -6.26 -12.48
CA ASP B 85 -2.73 -5.43 -11.61
C ASP B 85 -2.23 -3.98 -11.62
N GLY B 86 -1.04 -3.74 -12.19
CA GLY B 86 -0.52 -2.41 -12.53
C GLY B 86 0.35 -1.83 -11.44
N VAL B 87 0.99 -2.68 -10.62
CA VAL B 87 1.88 -2.28 -9.50
C VAL B 87 3.22 -3.00 -9.67
N THR B 88 4.31 -2.24 -9.79
CA THR B 88 5.71 -2.76 -9.84
C THR B 88 6.54 -2.11 -8.72
N ASN B 89 7.21 -2.91 -7.88
CA ASN B 89 8.14 -2.40 -6.84
C ASN B 89 9.20 -3.48 -6.59
N TRP B 90 10.26 -3.15 -5.84
CA TRP B 90 11.42 -4.06 -5.62
C TRP B 90 11.05 -5.22 -4.70
N GLY B 91 10.05 -5.03 -3.84
CA GLY B 91 9.51 -6.09 -2.96
C GLY B 91 8.89 -7.21 -3.78
N ARG B 92 8.02 -6.87 -4.72
CA ARG B 92 7.40 -7.82 -5.68
C ARG B 92 8.52 -8.49 -6.51
N ILE B 93 9.52 -7.72 -6.92
CA ILE B 93 10.65 -8.28 -7.75
C ILE B 93 11.46 -9.24 -6.90
N VAL B 94 11.79 -8.89 -5.67
CA VAL B 94 12.66 -9.77 -4.82
C VAL B 94 11.86 -11.03 -4.45
N THR B 95 10.52 -10.97 -4.38
CA THR B 95 9.64 -12.13 -4.13
C THR B 95 9.73 -13.12 -5.30
N LEU B 96 9.60 -12.62 -6.52
CA LEU B 96 9.78 -13.38 -7.78
C LEU B 96 11.14 -14.09 -7.75
N ILE B 97 12.24 -13.38 -7.47
CA ILE B 97 13.61 -14.00 -7.46
C ILE B 97 13.66 -15.03 -6.32
N SER B 98 13.08 -14.71 -5.17
CA SER B 98 13.08 -15.59 -3.98
C SER B 98 12.33 -16.87 -4.34
N PHE B 99 11.24 -16.76 -5.09
CA PHE B 99 10.50 -17.95 -5.60
C PHE B 99 11.43 -18.74 -6.52
N GLY B 100 12.12 -18.03 -7.41
CA GLY B 100 13.16 -18.60 -8.28
C GLY B 100 14.12 -19.45 -7.47
N ALA B 101 14.63 -18.91 -6.36
CA ALA B 101 15.64 -19.57 -5.50
C ALA B 101 15.03 -20.81 -4.83
N PHE B 102 13.79 -20.71 -4.37
CA PHE B 102 13.00 -21.82 -3.80
C PHE B 102 12.83 -22.94 -4.84
N VAL B 103 12.53 -22.58 -6.09
CA VAL B 103 12.39 -23.56 -7.21
C VAL B 103 13.77 -24.19 -7.49
N ALA B 104 14.86 -23.41 -7.40
CA ALA B 104 16.23 -23.91 -7.66
C ALA B 104 16.57 -25.03 -6.64
N LYS B 105 16.34 -24.78 -5.35
CA LYS B 105 16.55 -25.78 -4.26
C LYS B 105 15.76 -27.05 -4.58
N HIS B 106 14.48 -26.92 -4.95
CA HIS B 106 13.61 -28.07 -5.31
C HIS B 106 14.22 -28.80 -6.52
N LEU B 107 14.72 -28.07 -7.52
CA LEU B 107 15.35 -28.66 -8.73
C LEU B 107 16.63 -29.42 -8.34
N LYS B 108 17.41 -28.91 -7.38
CA LYS B 108 18.59 -29.68 -6.85
C LYS B 108 18.09 -30.93 -6.13
N THR B 109 17.05 -30.81 -5.29
CA THR B 109 16.51 -31.94 -4.48
C THR B 109 16.10 -33.10 -5.38
N ILE B 110 15.49 -32.82 -6.55
CA ILE B 110 14.97 -33.89 -7.47
C ILE B 110 15.94 -34.10 -8.64
N ASN B 111 17.22 -33.77 -8.46
CA ASN B 111 18.31 -34.13 -9.39
C ASN B 111 18.03 -33.53 -10.78
N GLN B 112 17.55 -32.30 -10.85
CA GLN B 112 17.34 -31.56 -12.13
C GLN B 112 18.19 -30.28 -12.11
N GLU B 113 19.43 -30.39 -11.63
CA GLU B 113 20.37 -29.24 -11.47
C GLU B 113 20.54 -28.51 -12.82
N SER B 114 20.43 -29.21 -13.95
CA SER B 114 20.64 -28.63 -15.30
C SER B 114 19.51 -27.66 -15.66
N CYS B 115 18.41 -27.64 -14.91
CA CYS B 115 17.28 -26.69 -15.12
C CYS B 115 17.55 -25.38 -14.36
N ILE B 116 18.55 -25.32 -13.48
CA ILE B 116 18.73 -24.16 -12.56
C ILE B 116 19.18 -22.94 -13.36
N GLU B 117 20.28 -23.03 -14.11
CA GLU B 117 20.78 -21.87 -14.90
C GLU B 117 19.73 -21.43 -15.93
N PRO B 118 19.08 -22.35 -16.70
CA PRO B 118 17.97 -21.94 -17.56
C PRO B 118 16.83 -21.22 -16.83
N LEU B 119 16.51 -21.64 -15.61
CA LEU B 119 15.49 -20.93 -14.78
C LEU B 119 15.97 -19.50 -14.48
N ALA B 120 17.21 -19.36 -14.02
CA ALA B 120 17.87 -18.06 -13.78
C ALA B 120 17.80 -17.21 -15.06
N GLU B 121 18.14 -17.79 -16.21
CA GLU B 121 18.14 -17.09 -17.52
C GLU B 121 16.72 -16.70 -17.96
N SER B 122 15.74 -17.60 -17.80
CA SER B 122 14.32 -17.35 -18.18
C SER B 122 13.73 -16.22 -17.32
N ILE B 123 14.06 -16.20 -16.03
CA ILE B 123 13.54 -15.16 -15.09
C ILE B 123 14.14 -13.81 -15.47
N THR B 124 15.45 -13.76 -15.70
CA THR B 124 16.18 -12.54 -16.15
C THR B 124 15.50 -12.05 -17.44
N ASP B 125 15.32 -12.93 -18.42
CA ASP B 125 14.72 -12.58 -19.73
C ASP B 125 13.38 -11.85 -19.52
N VAL B 126 12.44 -12.43 -18.78
CA VAL B 126 11.04 -11.93 -18.75
C VAL B 126 11.02 -10.64 -17.90
N LEU B 127 11.95 -10.53 -16.96
CA LEU B 127 12.08 -9.35 -16.06
C LEU B 127 12.61 -8.14 -16.85
N VAL B 128 13.75 -8.28 -17.54
CA VAL B 128 14.38 -7.21 -18.36
C VAL B 128 13.50 -6.89 -19.58
N ARG B 129 12.93 -7.88 -20.26
CA ARG B 129 12.07 -7.62 -21.44
C ARG B 129 10.85 -6.80 -20.99
N THR B 130 10.16 -7.24 -19.94
CA THR B 130 8.87 -6.68 -19.45
C THR B 130 9.07 -5.33 -18.75
N LYS B 131 10.12 -5.16 -17.95
CA LYS B 131 10.24 -4.05 -16.97
C LYS B 131 11.51 -3.23 -17.20
N ARG B 132 12.05 -3.22 -18.41
CA ARG B 132 13.30 -2.48 -18.76
C ARG B 132 13.12 -1.01 -18.38
N ASP B 133 12.06 -0.37 -18.88
CA ASP B 133 11.78 1.08 -18.68
C ASP B 133 11.70 1.38 -17.17
N TRP B 134 10.94 0.60 -16.40
CA TRP B 134 10.84 0.77 -14.94
C TRP B 134 12.24 0.61 -14.32
N LEU B 135 13.00 -0.41 -14.74
CA LEU B 135 14.32 -0.73 -14.14
C LEU B 135 15.30 0.45 -14.36
N VAL B 136 15.39 0.98 -15.58
CA VAL B 136 16.33 2.08 -15.94
C VAL B 136 15.98 3.32 -15.10
N LYS B 137 14.68 3.64 -14.99
CA LYS B 137 14.17 4.81 -14.23
C LYS B 137 14.49 4.66 -12.73
N GLN B 138 14.58 3.43 -12.20
CA GLN B 138 14.98 3.16 -10.78
C GLN B 138 16.50 3.13 -10.64
N ARG B 139 17.24 3.56 -11.68
CA ARG B 139 18.72 3.51 -11.76
C ARG B 139 19.18 2.05 -11.63
N GLY B 140 18.46 1.12 -12.24
CA GLY B 140 18.80 -0.31 -12.28
C GLY B 140 18.91 -0.92 -10.88
N TRP B 141 19.94 -1.74 -10.66
CA TRP B 141 20.15 -2.48 -9.41
C TRP B 141 20.59 -1.56 -8.27
N ASP B 142 20.97 -0.30 -8.55
CA ASP B 142 21.24 0.70 -7.48
C ASP B 142 19.95 1.00 -6.71
N GLY B 143 18.81 1.10 -7.39
CA GLY B 143 17.49 1.34 -6.77
C GLY B 143 17.10 0.21 -5.84
N PHE B 144 17.48 -1.02 -6.20
CA PHE B 144 17.20 -2.25 -5.41
C PHE B 144 17.98 -2.21 -4.10
N VAL B 145 19.27 -1.88 -4.19
CA VAL B 145 20.19 -1.78 -3.01
C VAL B 145 19.63 -0.71 -2.07
N GLU B 146 19.28 0.46 -2.62
CA GLU B 146 18.77 1.60 -1.82
C GLU B 146 17.45 1.20 -1.15
N PHE B 147 16.55 0.51 -1.86
CA PHE B 147 15.20 0.16 -1.37
C PHE B 147 15.28 -0.65 -0.06
N PHE B 148 16.32 -1.48 0.09
CA PHE B 148 16.57 -2.33 1.29
C PHE B 148 17.78 -1.83 2.09
N HIS B 149 18.16 -0.57 1.92
CA HIS B 149 19.18 0.09 2.79
C HIS B 149 18.43 0.65 4.00
N VAL B 150 18.98 0.45 5.21
CA VAL B 150 18.35 0.91 6.48
C VAL B 150 18.44 2.44 6.53
N GLU B 151 17.32 3.13 6.80
CA GLU B 151 17.23 4.59 7.05
C GLU B 151 18.53 5.09 7.70
N ARG C 5 18.31 31.86 22.67
CA ARG C 5 18.74 33.29 22.51
C ARG C 5 19.12 33.55 21.05
N GLN C 6 20.12 32.84 20.52
CA GLN C 6 20.63 33.02 19.13
C GLN C 6 19.49 32.73 18.13
N SER C 7 18.65 31.73 18.42
CA SER C 7 17.41 31.41 17.66
C SER C 7 16.50 32.65 17.62
N LEU C 8 16.19 33.19 18.80
CA LEU C 8 15.18 34.26 19.01
C LEU C 8 15.47 35.48 18.12
N GLU C 9 16.74 35.88 18.01
CA GLU C 9 17.19 37.04 17.18
C GLU C 9 16.92 36.76 15.69
N ILE C 10 17.24 35.56 15.23
CA ILE C 10 17.06 35.11 13.81
C ILE C 10 15.55 35.13 13.49
N ILE C 11 14.75 34.45 14.31
CA ILE C 11 13.26 34.37 14.16
C ILE C 11 12.70 35.80 14.23
N SER C 12 13.02 36.54 15.29
CA SER C 12 12.56 37.93 15.54
C SER C 12 12.89 38.82 14.34
N ARG C 13 14.16 38.83 13.90
CA ARG C 13 14.64 39.69 12.78
C ARG C 13 13.95 39.29 11.48
N TYR C 14 13.83 37.97 11.22
CA TYR C 14 13.16 37.44 10.01
C TYR C 14 11.66 37.80 10.05
N LEU C 15 11.00 37.67 11.19
CA LEU C 15 9.54 38.01 11.35
C LEU C 15 9.33 39.52 11.25
N ARG C 16 10.32 40.31 11.67
CA ARG C 16 10.29 41.80 11.64
C ARG C 16 10.29 42.26 10.17
N GLU C 17 11.37 41.96 9.44
CA GLU C 17 11.57 42.40 8.03
C GLU C 17 10.44 41.87 7.14
N GLN C 18 10.00 40.62 7.37
CA GLN C 18 8.82 40.01 6.69
C GLN C 18 7.60 40.92 6.87
N ALA C 19 7.22 41.21 8.12
CA ALA C 19 5.99 41.98 8.47
C ALA C 19 5.98 43.34 7.77
N THR C 20 7.14 44.00 7.67
CA THR C 20 7.34 45.34 7.03
C THR C 20 7.22 45.21 5.51
N GLY C 21 8.36 45.23 4.79
CA GLY C 21 8.43 45.09 3.32
C GLY C 21 9.84 44.78 2.86
N ALA C 38 21.74 32.34 8.92
CA ALA C 38 20.35 31.84 9.01
C ALA C 38 19.39 32.83 8.33
N LEU C 39 19.41 34.12 8.73
CA LEU C 39 18.55 35.19 8.15
C LEU C 39 18.51 35.00 6.62
N GLU C 40 19.69 34.90 5.99
CA GLU C 40 19.85 34.77 4.53
C GLU C 40 19.20 33.46 4.04
N THR C 41 19.31 32.39 4.82
CA THR C 41 18.66 31.08 4.55
C THR C 41 17.13 31.22 4.62
N LEU C 42 16.59 31.88 5.66
CA LEU C 42 15.13 32.10 5.83
C LEU C 42 14.60 33.02 4.71
N ARG C 43 15.36 34.05 4.34
CA ARG C 43 15.05 34.95 3.19
C ARG C 43 14.83 34.11 1.94
N ARG C 44 15.74 33.17 1.67
CA ARG C 44 15.72 32.29 0.47
C ARG C 44 14.49 31.38 0.51
N VAL C 45 14.24 30.70 1.65
CA VAL C 45 13.26 29.57 1.74
C VAL C 45 11.87 30.10 2.16
N GLY C 46 11.83 31.14 2.99
CA GLY C 46 10.61 31.60 3.68
C GLY C 46 9.50 32.01 2.74
N ASP C 47 9.81 32.91 1.79
CA ASP C 47 8.83 33.53 0.86
C ASP C 47 8.28 32.47 -0.10
N GLY C 48 9.14 31.56 -0.57
CA GLY C 48 8.75 30.34 -1.30
C GLY C 48 7.72 29.54 -0.54
N VAL C 49 7.97 29.25 0.73
CA VAL C 49 7.11 28.42 1.62
C VAL C 49 5.79 29.17 1.89
N GLN C 50 5.84 30.48 2.12
CA GLN C 50 4.64 31.33 2.35
C GLN C 50 3.75 31.27 1.08
N ARG C 51 4.33 31.53 -0.09
CA ARG C 51 3.64 31.46 -1.41
C ARG C 51 2.77 30.19 -1.51
N ASN C 52 3.35 29.02 -1.24
CA ASN C 52 2.74 27.68 -1.53
C ASN C 52 2.07 27.08 -0.29
N HIS C 53 1.93 27.85 0.80
CA HIS C 53 1.13 27.47 2.00
C HIS C 53 0.15 28.59 2.37
N GLU C 54 0.08 29.64 1.53
CA GLU C 54 -0.76 30.86 1.74
C GLU C 54 -2.12 30.48 2.33
N THR C 55 -2.77 29.46 1.75
CA THR C 55 -4.18 29.07 2.02
C THR C 55 -4.26 28.27 3.32
N ALA C 56 -3.34 27.33 3.54
CA ALA C 56 -3.24 26.51 4.76
C ALA C 56 -3.00 27.42 5.97
N PHE C 57 -2.15 28.45 5.81
CA PHE C 57 -1.75 29.42 6.85
C PHE C 57 -2.88 30.43 7.12
N GLN C 58 -3.72 30.69 6.11
CA GLN C 58 -4.86 31.65 6.20
C GLN C 58 -5.85 31.15 7.27
N GLY C 59 -6.13 29.85 7.28
CA GLY C 59 -7.16 29.21 8.12
C GLY C 59 -6.66 28.82 9.51
N MET C 60 -5.35 28.59 9.65
CA MET C 60 -4.70 28.12 10.92
C MET C 60 -4.92 29.14 12.06
N LEU C 61 -5.60 30.25 11.79
CA LEU C 61 -6.10 31.22 12.80
C LEU C 61 -7.49 30.75 13.29
N THR C 88 9.32 15.05 12.09
CA THR C 88 10.19 16.21 12.38
C THR C 88 11.30 16.34 11.32
N ASN C 89 11.52 17.56 10.80
CA ASN C 89 12.66 17.92 9.89
C ASN C 89 12.74 19.44 9.77
N TRP C 90 13.88 19.95 9.26
CA TRP C 90 14.15 21.40 9.05
C TRP C 90 13.11 22.03 8.12
N GLY C 91 12.57 21.25 7.18
CA GLY C 91 11.51 21.69 6.25
C GLY C 91 10.23 22.08 6.97
N ARG C 92 9.79 21.25 7.91
CA ARG C 92 8.62 21.51 8.76
C ARG C 92 8.96 22.67 9.72
N ILE C 93 10.22 22.76 10.16
CA ILE C 93 10.72 23.81 11.11
C ILE C 93 10.71 25.18 10.43
N VAL C 94 11.19 25.26 9.19
CA VAL C 94 11.18 26.53 8.39
C VAL C 94 9.72 26.89 8.09
N THR C 95 8.82 25.89 8.03
CA THR C 95 7.36 26.09 7.75
C THR C 95 6.68 26.72 8.98
N LEU C 96 7.12 26.40 10.20
CA LEU C 96 6.61 26.99 11.46
C LEU C 96 7.05 28.45 11.56
N ILE C 97 8.33 28.71 11.29
CA ILE C 97 8.92 30.09 11.27
C ILE C 97 8.28 30.86 10.12
N SER C 98 8.11 30.21 8.95
CA SER C 98 7.38 30.77 7.78
C SER C 98 5.97 31.17 8.23
N PHE C 99 5.29 30.32 9.00
CA PHE C 99 3.94 30.57 9.55
C PHE C 99 3.99 31.75 10.53
N GLY C 100 5.10 31.87 11.28
CA GLY C 100 5.41 33.04 12.13
C GLY C 100 5.36 34.34 11.34
N ALA C 101 6.10 34.38 10.21
CA ALA C 101 6.19 35.54 9.29
C ALA C 101 4.79 35.87 8.74
N PHE C 102 3.98 34.86 8.44
CA PHE C 102 2.62 35.02 7.87
C PHE C 102 1.71 35.68 8.92
N VAL C 103 1.74 35.20 10.16
CA VAL C 103 0.98 35.77 11.31
C VAL C 103 1.47 37.21 11.55
N ALA C 104 2.79 37.43 11.56
CA ALA C 104 3.44 38.75 11.70
C ALA C 104 2.91 39.73 10.65
N LYS C 105 2.81 39.31 9.40
CA LYS C 105 2.23 40.13 8.29
C LYS C 105 0.78 40.48 8.65
N HIS C 106 0.01 39.49 9.11
CA HIS C 106 -1.41 39.61 9.51
C HIS C 106 -1.54 40.64 10.64
N LEU C 107 -0.71 40.49 11.69
CA LEU C 107 -0.69 41.36 12.88
C LEU C 107 -0.48 42.81 12.46
N LYS C 108 0.33 43.05 11.43
CA LYS C 108 0.57 44.42 10.89
C LYS C 108 -0.69 44.96 10.20
N THR C 109 -1.37 44.15 9.36
CA THR C 109 -2.57 44.58 8.61
C THR C 109 -3.67 44.97 9.60
N ILE C 110 -3.78 44.28 10.74
CA ILE C 110 -4.86 44.50 11.77
C ILE C 110 -4.39 45.48 12.85
N ASN C 111 -3.31 46.23 12.62
CA ASN C 111 -2.76 47.23 13.58
C ASN C 111 -2.52 46.56 14.94
N GLN C 112 -1.80 45.43 14.96
CA GLN C 112 -1.35 44.76 16.21
C GLN C 112 0.14 44.42 16.07
N GLU C 113 0.94 45.39 15.64
CA GLU C 113 2.41 45.29 15.43
C GLU C 113 3.14 45.03 16.75
N SER C 114 2.60 45.52 17.87
CA SER C 114 3.24 45.38 19.22
C SER C 114 3.24 43.90 19.65
N CYS C 115 2.46 43.05 18.99
CA CYS C 115 2.37 41.59 19.26
C CYS C 115 3.40 40.80 18.43
N ILE C 116 4.14 41.45 17.52
CA ILE C 116 5.10 40.77 16.59
C ILE C 116 6.31 40.26 17.38
N GLU C 117 6.93 41.09 18.22
CA GLU C 117 8.12 40.68 19.02
C GLU C 117 7.72 39.57 20.00
N PRO C 118 6.60 39.69 20.75
CA PRO C 118 6.12 38.57 21.56
C PRO C 118 5.90 37.29 20.73
N LEU C 119 5.40 37.41 19.50
CA LEU C 119 5.08 36.28 18.61
C LEU C 119 6.36 35.53 18.22
N ALA C 120 7.47 36.27 18.04
CA ALA C 120 8.81 35.71 17.75
C ALA C 120 9.28 34.89 18.95
N GLU C 121 9.16 35.46 20.16
CA GLU C 121 9.56 34.81 21.45
C GLU C 121 8.70 33.56 21.68
N SER C 122 7.38 33.68 21.51
CA SER C 122 6.38 32.57 21.62
C SER C 122 6.79 31.40 20.71
N ILE C 123 6.94 31.66 19.41
CA ILE C 123 7.31 30.65 18.38
C ILE C 123 8.71 30.09 18.66
N THR C 124 9.66 30.94 19.06
CA THR C 124 11.05 30.52 19.41
C THR C 124 11.00 29.54 20.58
N ASP C 125 10.22 29.84 21.62
CA ASP C 125 10.15 29.04 22.88
C ASP C 125 9.59 27.65 22.56
N VAL C 126 8.36 27.56 22.04
CA VAL C 126 7.67 26.28 21.67
C VAL C 126 8.61 25.42 20.81
N LEU C 127 9.43 26.05 19.95
CA LEU C 127 10.38 25.35 19.05
C LEU C 127 11.51 24.70 19.84
N VAL C 128 12.23 25.49 20.66
CA VAL C 128 13.49 25.06 21.35
C VAL C 128 13.14 24.08 22.48
N ARG C 129 12.03 24.32 23.19
CA ARG C 129 11.55 23.46 24.32
C ARG C 129 11.16 22.08 23.76
N THR C 130 10.62 22.02 22.55
CA THR C 130 10.00 20.80 21.95
C THR C 130 11.01 19.98 21.16
N LYS C 131 11.97 20.64 20.48
CA LYS C 131 12.99 19.98 19.63
C LYS C 131 14.38 20.27 20.19
N ARG C 132 14.53 20.39 21.51
CA ARG C 132 15.84 20.58 22.19
C ARG C 132 16.76 19.40 21.84
N ASP C 133 16.27 18.16 21.99
CA ASP C 133 17.04 16.91 21.75
C ASP C 133 17.21 16.68 20.24
N TRP C 134 16.35 17.30 19.41
CA TRP C 134 16.37 17.20 17.93
C TRP C 134 17.18 18.34 17.31
N LEU C 135 17.14 19.55 17.90
CA LEU C 135 17.82 20.78 17.39
C LEU C 135 19.34 20.67 17.57
N VAL C 136 19.79 19.78 18.47
CA VAL C 136 21.24 19.56 18.76
C VAL C 136 21.79 18.43 17.87
N LYS C 137 20.90 17.64 17.25
CA LYS C 137 21.27 16.48 16.38
C LYS C 137 21.68 17.00 15.00
N GLN C 138 21.19 18.19 14.63
CA GLN C 138 21.49 18.87 13.34
C GLN C 138 22.43 20.06 13.58
N ARG C 139 23.28 19.98 14.61
CA ARG C 139 24.35 20.95 14.92
C ARG C 139 23.80 22.39 15.00
N GLY C 140 22.56 22.57 15.46
CA GLY C 140 21.88 23.89 15.52
C GLY C 140 21.52 24.41 14.14
N TRP C 141 21.66 25.74 13.92
CA TRP C 141 21.31 26.42 12.65
C TRP C 141 22.39 26.22 11.58
N ASP C 142 23.57 25.72 11.94
CA ASP C 142 24.63 25.32 10.98
C ASP C 142 24.12 24.14 10.14
N GLY C 143 23.26 23.30 10.74
CA GLY C 143 22.53 22.22 10.04
C GLY C 143 21.40 22.77 9.18
N PHE C 144 20.55 23.64 9.76
CA PHE C 144 19.47 24.37 9.04
C PHE C 144 20.02 24.87 7.70
N VAL C 145 21.20 25.49 7.71
CA VAL C 145 21.84 26.11 6.51
C VAL C 145 22.31 25.01 5.54
N GLU C 146 22.81 23.89 6.07
CA GLU C 146 23.24 22.72 5.27
C GLU C 146 22.02 22.13 4.55
N PHE C 147 20.92 21.94 5.29
CA PHE C 147 19.65 21.39 4.74
C PHE C 147 19.31 22.13 3.44
N PHE C 148 19.51 23.46 3.42
CA PHE C 148 19.12 24.38 2.31
C PHE C 148 20.35 24.90 1.54
N HIS C 149 21.55 24.38 1.79
CA HIS C 149 22.77 24.74 1.03
C HIS C 149 22.71 24.15 -0.38
N SER D 1 -25.58 -20.79 26.02
CA SER D 1 -26.62 -20.20 25.12
C SER D 1 -27.09 -21.24 24.10
N GLU D 2 -28.16 -20.94 23.36
CA GLU D 2 -28.75 -21.80 22.29
C GLU D 2 -27.70 -22.04 21.20
N LEU D 3 -26.98 -20.98 20.81
CA LEU D 3 -25.85 -20.99 19.84
C LEU D 3 -24.72 -21.88 20.35
N TYR D 4 -24.30 -21.69 21.62
CA TYR D 4 -23.23 -22.47 22.27
C TYR D 4 -23.53 -23.97 22.18
N ARG D 5 -24.79 -24.37 22.44
CA ARG D 5 -25.23 -25.79 22.41
C ARG D 5 -24.96 -26.37 21.03
N GLN D 6 -25.44 -25.71 19.98
CA GLN D 6 -25.23 -26.10 18.56
C GLN D 6 -23.73 -26.01 18.25
N SER D 7 -23.07 -24.91 18.62
CA SER D 7 -21.62 -24.68 18.40
C SER D 7 -20.81 -25.89 18.86
N LEU D 8 -20.88 -26.22 20.15
CA LEU D 8 -20.17 -27.37 20.76
C LEU D 8 -20.62 -28.67 20.09
N GLU D 9 -21.91 -28.80 19.77
CA GLU D 9 -22.46 -29.98 19.05
C GLU D 9 -21.71 -30.11 17.71
N ILE D 10 -21.67 -29.04 16.91
CA ILE D 10 -21.05 -29.00 15.54
C ILE D 10 -19.54 -29.25 15.64
N ILE D 11 -18.83 -28.44 16.44
CA ILE D 11 -17.35 -28.47 16.60
C ILE D 11 -16.92 -29.84 17.17
N SER D 12 -17.60 -30.34 18.21
CA SER D 12 -17.30 -31.66 18.82
C SER D 12 -17.54 -32.77 17.79
N ARG D 13 -18.73 -32.81 17.18
CA ARG D 13 -19.12 -33.79 16.14
C ARG D 13 -18.04 -33.79 15.04
N TYR D 14 -17.70 -32.62 14.49
CA TYR D 14 -16.70 -32.51 13.40
C TYR D 14 -15.32 -32.99 13.86
N LEU D 15 -14.86 -32.59 15.05
CA LEU D 15 -13.53 -32.98 15.57
C LEU D 15 -13.47 -34.50 15.84
N ARG D 16 -14.61 -35.09 16.22
CA ARG D 16 -14.76 -36.56 16.44
C ARG D 16 -14.57 -37.29 15.10
N GLU D 17 -15.43 -37.04 14.11
CA GLU D 17 -15.44 -37.82 12.83
C GLU D 17 -14.13 -37.61 12.06
N GLN D 18 -13.53 -36.42 12.20
CA GLN D 18 -12.16 -36.10 11.69
C GLN D 18 -11.12 -36.96 12.40
N ALA D 19 -11.21 -37.13 13.72
CA ALA D 19 -10.24 -37.92 14.52
C ALA D 19 -10.30 -39.40 14.12
N THR D 20 -11.53 -39.95 14.03
CA THR D 20 -11.83 -41.35 13.62
C THR D 20 -11.51 -41.54 12.12
N GLY D 21 -12.31 -40.95 11.24
CA GLY D 21 -12.30 -41.19 9.79
C GLY D 21 -13.64 -40.84 9.17
N THR D 34 -29.96 -26.65 10.44
CA THR D 34 -28.81 -25.72 10.65
C THR D 34 -27.55 -26.53 11.02
N SER D 35 -27.64 -27.36 12.07
CA SER D 35 -26.52 -28.20 12.60
C SER D 35 -26.08 -29.22 11.54
N ARG D 36 -27.04 -29.76 10.77
CA ARG D 36 -26.80 -30.72 9.66
C ARG D 36 -26.08 -30.02 8.50
N LYS D 37 -26.48 -28.79 8.18
CA LYS D 37 -25.91 -27.97 7.07
C LYS D 37 -24.51 -27.47 7.45
N ALA D 38 -24.32 -27.04 8.70
CA ALA D 38 -23.02 -26.58 9.28
C ALA D 38 -22.00 -27.72 9.19
N LEU D 39 -22.38 -28.94 9.59
CA LEU D 39 -21.51 -30.14 9.61
C LEU D 39 -21.06 -30.49 8.19
N GLU D 40 -22.01 -30.58 7.24
CA GLU D 40 -21.75 -30.84 5.79
C GLU D 40 -20.80 -29.76 5.25
N THR D 41 -21.10 -28.49 5.52
CA THR D 41 -20.25 -27.31 5.17
C THR D 41 -18.84 -27.51 5.73
N LEU D 42 -18.76 -27.93 6.99
CA LEU D 42 -17.48 -28.17 7.73
C LEU D 42 -16.70 -29.31 7.07
N ARG D 43 -17.39 -30.40 6.72
CA ARG D 43 -16.81 -31.58 6.01
C ARG D 43 -16.18 -31.13 4.68
N ARG D 44 -16.89 -30.26 3.95
CA ARG D 44 -16.47 -29.73 2.62
C ARG D 44 -15.16 -28.93 2.79
N VAL D 45 -15.16 -27.91 3.64
CA VAL D 45 -14.10 -26.86 3.68
C VAL D 45 -12.91 -27.35 4.52
N GLY D 46 -13.18 -28.05 5.63
CA GLY D 46 -12.20 -28.36 6.68
C GLY D 46 -10.97 -29.06 6.15
N ASP D 47 -11.15 -30.12 5.35
CA ASP D 47 -10.05 -31.01 4.91
C ASP D 47 -9.19 -30.24 3.90
N GLY D 48 -9.84 -29.52 2.97
CA GLY D 48 -9.18 -28.54 2.07
C GLY D 48 -8.29 -27.57 2.82
N VAL D 49 -8.76 -27.04 3.96
CA VAL D 49 -8.04 -26.00 4.76
C VAL D 49 -6.87 -26.66 5.49
N GLN D 50 -7.06 -27.89 6.00
CA GLN D 50 -5.99 -28.67 6.69
C GLN D 50 -4.91 -29.04 5.68
N ARG D 51 -5.30 -29.54 4.50
CA ARG D 51 -4.37 -29.93 3.39
C ARG D 51 -3.44 -28.75 3.04
N ASN D 52 -3.98 -27.55 2.84
CA ASN D 52 -3.19 -26.36 2.39
C ASN D 52 -2.40 -25.77 3.56
N HIS D 53 -2.93 -25.87 4.79
CA HIS D 53 -2.27 -25.41 6.04
C HIS D 53 -1.44 -26.54 6.68
N GLU D 54 -1.29 -27.68 6.01
CA GLU D 54 -0.57 -28.88 6.52
C GLU D 54 0.75 -28.45 7.18
N THR D 55 1.66 -27.85 6.39
CA THR D 55 3.01 -27.39 6.84
C THR D 55 2.86 -26.26 7.88
N ALA D 56 1.81 -25.43 7.75
CA ALA D 56 1.52 -24.31 8.68
C ALA D 56 1.17 -24.89 10.06
N PHE D 57 0.11 -25.70 10.12
CA PHE D 57 -0.41 -26.37 11.34
C PHE D 57 0.70 -27.19 12.02
N GLN D 58 1.49 -27.93 11.22
CA GLN D 58 2.65 -28.74 11.69
C GLN D 58 3.61 -27.83 12.45
N GLY D 59 4.11 -26.79 11.79
CA GLY D 59 5.04 -25.79 12.36
C GLY D 59 4.52 -25.19 13.66
N MET D 60 3.25 -24.75 13.67
CA MET D 60 2.58 -24.14 14.84
C MET D 60 2.48 -25.18 15.98
N LEU D 61 2.09 -26.41 15.63
CA LEU D 61 1.94 -27.54 16.58
C LEU D 61 3.31 -27.94 17.13
N ARG D 62 4.35 -27.93 16.29
CA ARG D 62 5.74 -28.33 16.64
C ARG D 62 6.29 -27.40 17.73
N LYS D 63 5.94 -26.11 17.71
CA LYS D 63 6.40 -25.08 18.69
C LYS D 63 5.48 -25.06 19.92
N LEU D 64 4.44 -25.90 19.94
CA LEU D 64 3.46 -26.00 21.06
C LEU D 64 3.46 -27.43 21.62
N ASP D 65 4.27 -27.66 22.66
CA ASP D 65 4.26 -28.92 23.45
C ASP D 65 2.83 -29.16 23.94
N ILE D 66 2.19 -30.23 23.44
CA ILE D 66 0.83 -30.70 23.86
C ILE D 66 0.93 -32.20 24.16
N LYS D 67 1.32 -32.54 25.40
CA LYS D 67 1.52 -33.93 25.88
C LYS D 67 0.51 -34.25 27.00
N ASN D 68 -0.56 -33.45 27.14
CA ASN D 68 -1.47 -33.49 28.32
C ASN D 68 -2.58 -32.44 28.16
N GLU D 69 -3.56 -32.44 29.08
CA GLU D 69 -4.71 -31.49 29.13
C GLU D 69 -4.27 -30.12 29.66
N ASP D 70 -3.14 -30.06 30.38
CA ASP D 70 -2.54 -28.80 30.88
C ASP D 70 -2.18 -27.90 29.69
N ASP D 71 -1.61 -28.49 28.64
CA ASP D 71 -1.19 -27.80 27.39
C ASP D 71 -2.43 -27.45 26.55
N VAL D 72 -3.44 -28.33 26.55
CA VAL D 72 -4.73 -28.12 25.83
C VAL D 72 -5.43 -26.88 26.40
N LYS D 73 -5.47 -26.75 27.73
CA LYS D 73 -6.06 -25.59 28.46
C LYS D 73 -5.18 -24.35 28.27
N SER D 74 -3.87 -24.54 28.12
CA SER D 74 -2.87 -23.46 27.87
C SER D 74 -2.92 -23.03 26.40
N LEU D 75 -3.34 -23.93 25.51
CA LEU D 75 -3.49 -23.67 24.06
C LEU D 75 -4.65 -22.68 23.83
N SER D 76 -5.74 -22.84 24.59
CA SER D 76 -6.95 -21.98 24.54
C SER D 76 -6.62 -20.56 25.02
N ARG D 77 -5.67 -20.41 25.95
CA ARG D 77 -5.21 -19.09 26.46
C ARG D 77 -4.62 -18.27 25.30
N VAL D 78 -3.79 -18.89 24.45
CA VAL D 78 -3.13 -18.23 23.28
C VAL D 78 -4.12 -18.15 22.12
N MET D 79 -5.03 -19.12 21.99
CA MET D 79 -6.12 -19.13 20.98
C MET D 79 -7.06 -17.95 21.22
N ILE D 80 -7.36 -17.64 22.49
CA ILE D 80 -8.33 -16.57 22.90
C ILE D 80 -7.61 -15.21 22.90
N HIS D 81 -6.26 -15.23 22.88
CA HIS D 81 -5.40 -14.02 22.85
C HIS D 81 -5.07 -13.65 21.39
N VAL D 82 -4.70 -14.64 20.56
CA VAL D 82 -4.31 -14.46 19.13
C VAL D 82 -5.49 -13.87 18.34
N PHE D 83 -6.71 -14.35 18.58
CA PHE D 83 -7.97 -13.75 18.08
C PHE D 83 -8.05 -12.28 18.51
N VAL D 87 -10.22 -8.43 12.38
CA VAL D 87 -11.01 -8.97 11.23
C VAL D 87 -11.69 -10.26 11.70
N THR D 88 -12.97 -10.42 11.37
CA THR D 88 -13.79 -11.63 11.69
C THR D 88 -14.54 -12.05 10.43
N ASN D 89 -14.32 -13.29 9.97
CA ASN D 89 -15.04 -13.91 8.83
C ASN D 89 -15.06 -15.43 9.02
N TRP D 90 -16.01 -16.09 8.35
CA TRP D 90 -16.22 -17.57 8.40
C TRP D 90 -14.96 -18.31 7.95
N GLY D 91 -14.13 -17.67 7.11
CA GLY D 91 -12.85 -18.23 6.67
C GLY D 91 -11.92 -18.48 7.83
N ARG D 92 -11.70 -17.44 8.64
CA ARG D 92 -10.83 -17.47 9.84
C ARG D 92 -11.43 -18.43 10.89
N ILE D 93 -12.75 -18.50 10.99
CA ILE D 93 -13.45 -19.40 11.95
C ILE D 93 -13.21 -20.85 11.50
N VAL D 94 -13.44 -21.15 10.23
CA VAL D 94 -13.28 -22.55 9.72
C VAL D 94 -11.80 -22.96 9.86
N THR D 95 -10.87 -21.99 9.84
CA THR D 95 -9.41 -22.24 9.96
C THR D 95 -9.06 -22.65 11.39
N LEU D 96 -9.67 -21.98 12.38
CA LEU D 96 -9.54 -22.29 13.83
C LEU D 96 -10.08 -23.70 14.12
N ILE D 97 -11.31 -23.99 13.69
CA ILE D 97 -11.95 -25.33 13.86
C ILE D 97 -11.10 -26.37 13.12
N SER D 98 -10.64 -26.08 11.90
CA SER D 98 -9.76 -26.94 11.07
C SER D 98 -8.47 -27.24 11.84
N PHE D 99 -7.89 -26.25 12.53
CA PHE D 99 -6.66 -26.44 13.34
C PHE D 99 -6.99 -27.39 14.49
N GLY D 100 -8.20 -27.30 15.02
CA GLY D 100 -8.75 -28.21 16.05
C GLY D 100 -8.74 -29.65 15.58
N ALA D 101 -9.30 -29.89 14.39
CA ALA D 101 -9.33 -31.23 13.74
C ALA D 101 -7.91 -31.77 13.61
N PHE D 102 -6.95 -30.90 13.25
CA PHE D 102 -5.52 -31.27 13.05
C PHE D 102 -4.89 -31.68 14.38
N VAL D 103 -5.18 -30.94 15.46
CA VAL D 103 -4.67 -31.23 16.84
C VAL D 103 -5.38 -32.49 17.37
N ALA D 104 -6.67 -32.66 17.07
CA ALA D 104 -7.48 -33.83 17.46
C ALA D 104 -6.84 -35.11 16.88
N LYS D 105 -6.55 -35.10 15.58
CA LYS D 105 -5.88 -36.23 14.88
C LYS D 105 -4.53 -36.52 15.55
N HIS D 106 -3.77 -35.48 15.88
CA HIS D 106 -2.46 -35.60 16.57
C HIS D 106 -2.65 -36.27 17.93
N LEU D 107 -3.62 -35.79 18.72
CA LEU D 107 -3.92 -36.29 20.09
C LEU D 107 -4.24 -37.79 20.01
N LYS D 108 -4.90 -38.22 18.93
CA LYS D 108 -5.25 -39.65 18.69
C LYS D 108 -3.97 -40.46 18.47
N THR D 109 -3.03 -39.96 17.64
CA THR D 109 -1.77 -40.68 17.28
C THR D 109 -0.88 -40.84 18.51
N ILE D 110 -0.98 -39.99 19.53
CA ILE D 110 -0.12 -40.05 20.75
C ILE D 110 -0.92 -40.53 21.98
N ASN D 111 -2.03 -41.24 21.75
CA ASN D 111 -2.80 -41.95 22.81
C ASN D 111 -3.28 -40.93 23.85
N GLN D 112 -3.85 -39.81 23.39
CA GLN D 112 -4.45 -38.74 24.23
C GLN D 112 -5.87 -38.44 23.71
N GLU D 113 -6.61 -39.48 23.30
CA GLU D 113 -7.99 -39.38 22.74
C GLU D 113 -8.91 -38.69 23.75
N SER D 114 -8.64 -38.85 25.05
CA SER D 114 -9.47 -38.31 26.16
C SER D 114 -9.34 -36.78 26.21
N CYS D 115 -8.34 -36.19 25.53
CA CYS D 115 -8.12 -34.72 25.42
C CYS D 115 -8.90 -34.12 24.24
N ILE D 116 -9.62 -34.94 23.46
CA ILE D 116 -10.29 -34.48 22.21
C ILE D 116 -11.58 -33.72 22.55
N GLU D 117 -12.44 -34.27 23.40
CA GLU D 117 -13.70 -33.58 23.78
C GLU D 117 -13.35 -32.26 24.47
N PRO D 118 -12.37 -32.21 25.40
CA PRO D 118 -11.93 -30.94 25.99
C PRO D 118 -11.38 -29.90 25.01
N LEU D 119 -10.62 -30.35 24.00
CA LEU D 119 -10.10 -29.49 22.90
C LEU D 119 -11.27 -28.82 22.18
N ALA D 120 -12.28 -29.59 21.77
CA ALA D 120 -13.54 -29.09 21.15
C ALA D 120 -14.21 -28.04 22.06
N GLU D 121 -14.25 -28.25 23.37
CA GLU D 121 -14.88 -27.31 24.35
C GLU D 121 -14.06 -26.01 24.39
N SER D 122 -12.74 -26.11 24.55
CA SER D 122 -11.77 -24.97 24.51
C SER D 122 -11.96 -24.12 23.25
N ILE D 123 -12.03 -24.76 22.08
CA ILE D 123 -12.20 -24.07 20.77
C ILE D 123 -13.57 -23.40 20.72
N THR D 124 -14.63 -24.11 21.14
CA THR D 124 -16.01 -23.59 21.21
C THR D 124 -16.06 -22.40 22.16
N ASP D 125 -15.44 -22.53 23.34
CA ASP D 125 -15.37 -21.44 24.35
C ASP D 125 -14.81 -20.18 23.66
N VAL D 126 -13.63 -20.30 23.05
CA VAL D 126 -12.88 -19.16 22.41
C VAL D 126 -13.76 -18.51 21.34
N LEU D 127 -14.44 -19.32 20.51
CA LEU D 127 -15.26 -18.86 19.37
C LEU D 127 -16.45 -18.03 19.88
N VAL D 128 -17.26 -18.60 20.80
CA VAL D 128 -18.50 -17.97 21.33
C VAL D 128 -18.14 -16.77 22.20
N ARG D 129 -17.02 -16.81 22.92
CA ARG D 129 -16.58 -15.71 23.83
C ARG D 129 -16.21 -14.47 23.00
N THR D 130 -15.16 -14.58 22.17
CA THR D 130 -14.47 -13.42 21.53
C THR D 130 -15.32 -12.84 20.39
N LYS D 131 -16.20 -13.64 19.77
CA LYS D 131 -16.90 -13.26 18.50
C LYS D 131 -18.42 -13.52 18.60
N ARG D 132 -19.03 -13.42 19.80
CA ARG D 132 -20.49 -13.63 20.00
C ARG D 132 -21.30 -12.52 19.31
N ASP D 133 -20.89 -11.25 19.47
CA ASP D 133 -21.54 -10.09 18.83
C ASP D 133 -21.72 -10.38 17.33
N TRP D 134 -20.67 -10.87 16.67
CA TRP D 134 -20.62 -11.12 15.21
C TRP D 134 -21.61 -12.22 14.80
N LEU D 135 -21.68 -13.31 15.58
CA LEU D 135 -22.54 -14.50 15.27
C LEU D 135 -24.02 -14.13 15.35
N VAL D 136 -24.42 -13.41 16.40
CA VAL D 136 -25.79 -12.83 16.55
C VAL D 136 -26.06 -12.02 15.28
N LYS D 137 -25.13 -11.12 14.93
CA LYS D 137 -25.17 -10.24 13.73
C LYS D 137 -25.29 -11.09 12.45
N GLN D 138 -24.71 -12.30 12.44
CA GLN D 138 -24.56 -13.18 11.25
C GLN D 138 -25.70 -14.19 11.11
N ARG D 139 -26.61 -14.28 12.09
CA ARG D 139 -27.64 -15.35 12.19
C ARG D 139 -26.94 -16.68 12.45
N GLY D 140 -25.89 -16.67 13.27
CA GLY D 140 -25.11 -17.87 13.67
C GLY D 140 -24.77 -18.76 12.48
N TRP D 141 -25.00 -20.07 12.62
CA TRP D 141 -24.49 -21.12 11.70
C TRP D 141 -25.28 -21.16 10.39
N ASP D 142 -26.42 -20.46 10.29
CA ASP D 142 -27.15 -20.22 9.02
C ASP D 142 -26.26 -19.35 8.11
N GLY D 143 -25.53 -18.41 8.70
CA GLY D 143 -24.59 -17.50 8.01
C GLY D 143 -23.35 -18.24 7.50
N PHE D 144 -22.76 -19.10 8.33
CA PHE D 144 -21.61 -19.99 8.03
C PHE D 144 -21.92 -20.80 6.76
N VAL D 145 -23.13 -21.33 6.67
CA VAL D 145 -23.58 -22.19 5.53
C VAL D 145 -23.67 -21.32 4.27
N GLU D 146 -24.06 -20.06 4.42
CA GLU D 146 -24.23 -19.08 3.31
C GLU D 146 -22.86 -18.67 2.75
N PHE D 147 -21.89 -18.41 3.62
CA PHE D 147 -20.51 -17.96 3.27
C PHE D 147 -19.87 -19.00 2.33
N PHE D 148 -20.10 -20.30 2.58
CA PHE D 148 -19.48 -21.42 1.83
C PHE D 148 -20.51 -22.11 0.92
N HIS D 149 -21.64 -21.47 0.67
CA HIS D 149 -22.72 -21.98 -0.22
C HIS D 149 -22.30 -21.80 -1.69
N ASN E 3 -4.96 9.47 17.02
CA ASN E 3 -6.33 9.00 16.66
C ASN E 3 -7.34 10.12 16.94
N SER E 4 -7.45 10.54 18.20
CA SER E 4 -8.50 11.47 18.72
C SER E 4 -8.54 12.75 17.86
N LEU E 5 -7.39 13.35 17.56
CA LEU E 5 -7.29 14.62 16.80
C LEU E 5 -7.94 14.46 15.41
N GLU E 6 -7.67 13.32 14.77
CA GLU E 6 -8.19 12.96 13.42
C GLU E 6 -9.70 12.71 13.53
N ILE E 7 -10.14 12.14 14.67
CA ILE E 7 -11.56 11.80 14.98
C ILE E 7 -12.35 13.11 15.11
N GLU E 8 -11.78 14.11 15.77
CA GLU E 8 -12.40 15.45 15.95
C GLU E 8 -12.63 16.09 14.56
N GLU E 9 -11.66 15.96 13.66
CA GLU E 9 -11.70 16.58 12.31
C GLU E 9 -12.75 15.88 11.45
N LEU E 10 -12.91 14.56 11.59
CA LEU E 10 -13.97 13.80 10.88
C LEU E 10 -15.36 14.21 11.40
N ALA E 11 -15.48 14.48 12.69
CA ALA E 11 -16.73 14.94 13.35
C ALA E 11 -17.16 16.31 12.79
N ARG E 12 -16.22 17.28 12.78
CA ARG E 12 -16.34 18.61 12.12
C ARG E 12 -16.73 18.40 10.66
N PHE E 13 -16.04 17.50 9.97
CA PHE E 13 -16.31 17.16 8.55
C PHE E 13 -17.76 16.66 8.43
N ALA E 14 -18.20 15.78 9.33
CA ALA E 14 -19.57 15.21 9.29
C ALA E 14 -20.61 16.33 9.44
N VAL E 15 -20.38 17.25 10.39
CA VAL E 15 -21.27 18.42 10.63
C VAL E 15 -21.31 19.29 9.37
N ASP E 16 -20.14 19.60 8.79
CA ASP E 16 -20.02 20.46 7.59
C ASP E 16 -20.80 19.84 6.43
N GLU E 17 -20.62 18.55 6.20
CA GLU E 17 -21.29 17.82 5.08
C GLU E 17 -22.80 17.78 5.31
N HIS E 18 -23.23 17.56 6.57
CA HIS E 18 -24.67 17.58 6.96
C HIS E 18 -25.29 18.95 6.67
N ASN E 19 -24.61 20.02 7.10
CA ASN E 19 -25.04 21.43 6.93
C ASN E 19 -25.16 21.76 5.41
N LYS E 20 -24.33 21.14 4.58
CA LYS E 20 -24.31 21.38 3.11
C LYS E 20 -25.37 20.51 2.44
N LYS E 21 -25.39 19.20 2.74
CA LYS E 21 -26.30 18.21 2.10
C LYS E 21 -27.76 18.42 2.53
N GLU E 22 -28.03 19.00 3.71
CA GLU E 22 -29.42 19.16 4.26
C GLU E 22 -29.77 20.64 4.48
N ASN E 23 -28.87 21.57 4.15
CA ASN E 23 -29.11 23.03 4.19
C ASN E 23 -29.42 23.44 5.63
N ALA E 24 -28.48 23.18 6.55
CA ALA E 24 -28.63 23.39 8.00
C ALA E 24 -27.42 24.18 8.55
N LEU E 25 -27.53 24.65 9.79
CA LEU E 25 -26.48 25.45 10.47
C LEU E 25 -26.15 24.86 11.85
N LEU E 26 -25.86 23.57 11.93
CA LEU E 26 -25.34 22.93 13.18
C LEU E 26 -23.89 23.39 13.41
N GLU E 27 -23.54 23.69 14.66
CA GLU E 27 -22.16 24.04 15.09
C GLU E 27 -21.60 22.89 15.92
N PHE E 28 -20.54 22.25 15.44
CA PHE E 28 -19.81 21.17 16.15
C PHE E 28 -19.36 21.69 17.52
N VAL E 29 -19.65 20.94 18.58
CA VAL E 29 -19.22 21.23 19.98
C VAL E 29 -18.12 20.23 20.35
N ARG E 30 -18.39 18.93 20.31
CA ARG E 30 -17.38 17.89 20.69
C ARG E 30 -17.82 16.49 20.26
N VAL E 31 -16.83 15.60 20.13
CA VAL E 31 -17.00 14.12 19.98
C VAL E 31 -17.33 13.53 21.35
N VAL E 32 -18.30 12.62 21.42
CA VAL E 32 -18.71 11.90 22.65
C VAL E 32 -18.04 10.53 22.68
N LYS E 33 -18.21 9.74 21.60
CA LYS E 33 -17.59 8.41 21.44
C LYS E 33 -17.33 8.15 19.95
N ALA E 34 -16.27 7.41 19.66
CA ALA E 34 -15.78 7.10 18.30
C ALA E 34 -15.49 5.60 18.18
N LYS E 35 -16.12 4.95 17.20
CA LYS E 35 -15.92 3.53 16.80
C LYS E 35 -15.43 3.50 15.35
N GLU E 36 -14.58 2.53 15.00
CA GLU E 36 -14.04 2.34 13.64
C GLU E 36 -14.17 0.87 13.22
N GLN E 37 -14.83 0.63 12.08
CA GLN E 37 -14.73 -0.61 11.26
C GLN E 37 -13.68 -0.38 10.18
N MET E 38 -12.56 -1.12 10.24
CA MET E 38 -11.49 -1.08 9.21
C MET E 38 -11.89 -2.06 8.08
N GLY E 39 -11.17 -1.99 6.96
CA GLY E 39 -11.39 -2.84 5.77
C GLY E 39 -11.29 -4.31 6.10
N VAL E 40 -12.20 -5.12 5.55
CA VAL E 40 -12.30 -6.60 5.74
C VAL E 40 -11.04 -7.28 5.19
N ASN E 41 -10.36 -6.68 4.21
CA ASN E 41 -9.11 -7.23 3.61
C ASN E 41 -8.14 -6.08 3.33
N PRO E 42 -6.85 -6.36 3.07
CA PRO E 42 -5.86 -5.33 2.78
C PRO E 42 -6.07 -4.51 1.49
N GLU E 43 -6.91 -5.00 0.56
CA GLU E 43 -7.15 -4.33 -0.75
C GLU E 43 -8.22 -3.25 -0.63
N GLU E 44 -9.23 -3.46 0.21
CA GLU E 44 -10.36 -2.52 0.39
C GLU E 44 -9.82 -1.11 0.68
N MET E 45 -8.84 -1.01 1.58
CA MET E 45 -8.17 0.24 2.01
C MET E 45 -9.25 1.30 2.29
N GLN E 46 -10.21 0.95 3.15
CA GLN E 46 -11.30 1.87 3.56
C GLN E 46 -11.62 1.62 5.04
N THR E 47 -12.03 2.69 5.73
CA THR E 47 -12.49 2.66 7.14
C THR E 47 -13.90 3.26 7.22
N MET E 48 -14.76 2.66 8.04
CA MET E 48 -16.05 3.27 8.45
C MET E 48 -15.89 3.79 9.88
N TYR E 49 -16.08 5.09 10.07
CA TYR E 49 -16.05 5.78 11.37
C TYR E 49 -17.48 5.99 11.85
N TYR E 50 -17.81 5.49 13.04
CA TYR E 50 -19.10 5.69 13.74
C TYR E 50 -18.87 6.67 14.89
N LEU E 51 -19.41 7.87 14.73
CA LEU E 51 -19.18 9.02 15.63
C LEU E 51 -20.50 9.36 16.32
N THR E 52 -20.44 9.60 17.62
CA THR E 52 -21.49 10.32 18.37
C THR E 52 -20.90 11.67 18.79
N LEU E 53 -21.61 12.74 18.45
CA LEU E 53 -21.08 14.11 18.58
C LEU E 53 -22.20 15.01 19.08
N GLU E 54 -21.77 16.06 19.76
CA GLU E 54 -22.59 17.16 20.28
C GLU E 54 -22.46 18.32 19.29
N ALA E 55 -23.57 18.93 18.89
CA ALA E 55 -23.62 20.16 18.06
C ALA E 55 -24.75 21.06 18.52
N LYS E 56 -24.57 22.38 18.39
CA LYS E 56 -25.63 23.40 18.67
C LYS E 56 -26.52 23.55 17.43
N ASP E 57 -27.84 23.52 17.63
CA ASP E 57 -28.89 23.84 16.63
C ASP E 57 -29.79 24.94 17.23
N GLY E 58 -29.70 26.16 16.72
CA GLY E 58 -30.47 27.31 17.22
C GLY E 58 -30.34 27.49 18.72
N GLY E 59 -29.11 27.52 19.23
CA GLY E 59 -28.81 27.80 20.66
C GLY E 59 -29.31 26.73 21.61
N LYS E 60 -29.43 25.48 21.15
CA LYS E 60 -29.61 24.30 22.06
C LYS E 60 -28.72 23.16 21.56
N LYS E 61 -27.95 22.57 22.47
CA LYS E 61 -27.02 21.44 22.20
C LYS E 61 -27.85 20.17 22.05
N LYS E 62 -27.55 19.36 21.03
CA LYS E 62 -28.15 18.04 20.80
C LYS E 62 -27.03 17.05 20.45
N LEU E 63 -27.33 15.76 20.51
CA LEU E 63 -26.43 14.65 20.11
C LEU E 63 -26.85 14.12 18.75
N TYR E 64 -25.87 13.71 17.95
CA TYR E 64 -26.07 13.16 16.59
C TYR E 64 -25.13 11.96 16.41
N GLU E 65 -25.59 10.98 15.63
CA GLU E 65 -24.78 9.82 15.17
C GLU E 65 -24.43 10.09 13.70
N ALA E 66 -23.13 10.11 13.39
CA ALA E 66 -22.57 10.33 12.04
C ALA E 66 -21.76 9.09 11.64
N LYS E 67 -22.04 8.54 10.46
CA LYS E 67 -21.24 7.49 9.78
C LYS E 67 -20.45 8.16 8.65
N VAL E 68 -19.12 8.22 8.76
CA VAL E 68 -18.21 8.85 7.76
C VAL E 68 -17.30 7.76 7.17
N TRP E 69 -17.41 7.55 5.86
CA TRP E 69 -16.61 6.58 5.08
C TRP E 69 -15.34 7.25 4.60
N VAL E 70 -14.20 6.58 4.76
CA VAL E 70 -12.87 7.02 4.24
C VAL E 70 -12.29 5.92 3.35
N LYS E 71 -12.08 6.24 2.06
CA LYS E 71 -11.40 5.36 1.08
C LYS E 71 -10.03 5.95 0.82
N TRP E 72 -8.96 5.16 0.94
CA TRP E 72 -7.60 5.64 0.64
C TRP E 72 -6.97 4.81 -0.50
N TRP E 73 -5.83 5.29 -0.99
CA TRP E 73 -5.09 4.72 -2.16
C TRP E 73 -3.71 5.37 -2.25
N TRP E 74 -2.78 4.72 -2.93
CA TRP E 74 -1.43 5.27 -3.19
C TRP E 74 -1.55 6.29 -4.32
N GLY E 75 -1.38 7.56 -3.99
CA GLY E 75 -1.38 8.68 -4.95
C GLY E 75 0.03 8.99 -5.40
N PHE E 76 0.30 10.24 -5.74
CA PHE E 76 1.60 10.65 -6.35
C PHE E 76 2.58 10.98 -5.21
N HIS E 77 3.23 9.95 -4.69
CA HIS E 77 4.30 10.00 -3.65
C HIS E 77 3.70 10.21 -2.26
N ILE E 78 2.38 10.03 -2.12
CA ILE E 78 1.64 10.24 -0.85
C ILE E 78 0.48 9.25 -0.79
N TRP E 79 0.04 8.94 0.43
CA TRP E 79 -1.30 8.35 0.69
C TRP E 79 -2.34 9.43 0.45
N ASP E 80 -3.34 9.14 -0.37
CA ASP E 80 -4.46 10.07 -0.66
C ASP E 80 -5.73 9.38 -0.20
N ASN E 81 -6.80 10.14 0.03
CA ASN E 81 -8.08 9.58 0.49
C ASN E 81 -9.24 10.40 -0.05
N PHE E 82 -10.42 9.79 -0.03
CA PHE E 82 -11.74 10.41 -0.22
C PHE E 82 -12.56 10.13 1.05
N LYS E 83 -13.15 11.19 1.63
CA LYS E 83 -14.02 11.14 2.83
C LYS E 83 -15.45 11.46 2.39
N GLU E 84 -16.44 10.69 2.86
CA GLU E 84 -17.86 10.88 2.50
C GLU E 84 -18.77 10.58 3.70
N LEU E 85 -19.69 11.50 3.98
CA LEU E 85 -20.77 11.34 4.99
C LEU E 85 -21.84 10.38 4.45
N GLN E 86 -22.05 9.26 5.14
CA GLN E 86 -23.01 8.18 4.80
C GLN E 86 -24.35 8.37 5.53
N GLU E 87 -24.34 8.95 6.74
CA GLU E 87 -25.55 9.09 7.58
C GLU E 87 -25.27 10.08 8.70
N PHE E 88 -26.28 10.89 9.05
CA PHE E 88 -26.23 11.93 10.10
C PHE E 88 -27.65 12.13 10.65
N LYS E 89 -27.94 11.55 11.81
CA LYS E 89 -29.28 11.63 12.43
C LYS E 89 -29.15 11.93 13.92
N PRO E 90 -30.18 12.58 14.52
CA PRO E 90 -30.20 12.75 15.97
C PRO E 90 -30.23 11.39 16.68
N VAL E 91 -29.63 11.32 17.87
CA VAL E 91 -29.73 10.18 18.82
C VAL E 91 -29.93 10.74 20.23
N GLU F 2 -2.97 -7.13 18.96
CA GLU F 2 -2.72 -5.71 19.36
C GLU F 2 -1.24 -5.38 19.12
N ASN F 3 -0.77 -4.25 19.68
CA ASN F 3 0.66 -3.82 19.65
C ASN F 3 1.51 -4.85 20.40
N SER F 4 1.15 -5.13 21.65
CA SER F 4 1.93 -5.95 22.63
C SER F 4 2.30 -7.32 22.03
N LEU F 5 1.43 -7.93 21.21
CA LEU F 5 1.67 -9.27 20.62
C LEU F 5 2.76 -9.19 19.55
N GLU F 6 2.66 -8.24 18.60
CA GLU F 6 3.63 -8.10 17.49
C GLU F 6 5.01 -7.73 18.04
N ILE F 7 5.04 -6.84 19.02
CA ILE F 7 6.29 -6.41 19.73
C ILE F 7 6.92 -7.64 20.37
N GLU F 8 6.12 -8.51 20.98
CA GLU F 8 6.58 -9.76 21.65
C GLU F 8 7.21 -10.69 20.60
N GLU F 9 6.59 -10.80 19.42
CA GLU F 9 7.05 -11.67 18.30
C GLU F 9 8.36 -11.10 17.72
N LEU F 10 8.50 -9.77 17.61
CA LEU F 10 9.74 -9.12 17.13
C LEU F 10 10.88 -9.40 18.11
N ALA F 11 10.59 -9.40 19.42
CA ALA F 11 11.56 -9.65 20.51
C ALA F 11 12.07 -11.09 20.43
N ARG F 12 11.15 -12.07 20.30
CA ARG F 12 11.45 -13.50 20.06
C ARG F 12 12.33 -13.59 18.80
N PHE F 13 11.96 -12.86 17.74
CA PHE F 13 12.71 -12.80 16.48
C PHE F 13 14.15 -12.29 16.76
N ALA F 14 14.27 -11.19 17.49
CA ALA F 14 15.57 -10.56 17.84
C ALA F 14 16.46 -11.60 18.53
N VAL F 15 15.91 -12.34 19.50
CA VAL F 15 16.64 -13.43 20.22
C VAL F 15 17.00 -14.56 19.25
N ASP F 16 16.06 -15.04 18.43
CA ASP F 16 16.29 -16.14 17.45
C ASP F 16 17.44 -15.75 16.49
N GLU F 17 17.37 -14.55 15.93
CA GLU F 17 18.37 -14.00 14.97
C GLU F 17 19.74 -13.85 15.64
N HIS F 18 19.78 -13.36 16.88
CA HIS F 18 21.05 -13.24 17.66
C HIS F 18 21.66 -14.62 17.88
N ASN F 19 20.84 -15.61 18.27
CA ASN F 19 21.27 -17.00 18.61
C ASN F 19 21.89 -17.68 17.38
N LYS F 20 21.36 -17.37 16.18
CA LYS F 20 21.86 -17.93 14.90
C LYS F 20 23.16 -17.19 14.54
N LYS F 21 23.10 -15.85 14.46
CA LYS F 21 24.17 -14.97 13.91
C LYS F 21 25.43 -15.03 14.79
N GLU F 22 25.31 -15.23 16.10
CA GLU F 22 26.47 -15.20 17.05
C GLU F 22 26.70 -16.59 17.66
N ASN F 23 25.98 -17.62 17.20
CA ASN F 23 26.09 -19.02 17.67
C ASN F 23 25.90 -19.05 19.19
N ALA F 24 24.79 -18.47 19.67
CA ALA F 24 24.44 -18.32 21.10
C ALA F 24 23.12 -19.05 21.39
N LEU F 25 22.81 -19.33 22.66
CA LEU F 25 21.57 -20.06 23.05
C LEU F 25 20.84 -19.31 24.17
N LEU F 26 20.55 -18.02 23.96
CA LEU F 26 19.68 -17.19 24.82
C LEU F 26 18.23 -17.66 24.70
N GLU F 27 17.52 -17.76 25.82
CA GLU F 27 16.07 -18.06 25.90
C GLU F 27 15.32 -16.76 26.19
N PHE F 28 14.46 -16.32 25.29
CA PHE F 28 13.58 -15.14 25.49
C PHE F 28 12.68 -15.35 26.71
N VAL F 29 12.56 -14.34 27.57
CA VAL F 29 11.64 -14.34 28.77
C VAL F 29 10.48 -13.39 28.49
N ARG F 30 10.77 -12.09 28.31
CA ARG F 30 9.72 -11.04 28.21
C ARG F 30 10.28 -9.77 27.54
N VAL F 31 9.38 -8.98 26.95
CA VAL F 31 9.63 -7.59 26.50
C VAL F 31 9.59 -6.67 27.72
N VAL F 32 10.59 -5.81 27.89
CA VAL F 32 10.69 -4.81 29.01
C VAL F 32 10.19 -3.45 28.51
N LYS F 33 10.85 -2.88 27.50
CA LYS F 33 10.53 -1.56 26.89
C LYS F 33 10.46 -1.72 25.37
N ALA F 34 9.58 -0.96 24.71
CA ALA F 34 9.32 -1.04 23.26
C ALA F 34 9.04 0.36 22.72
N LYS F 35 9.95 0.89 21.89
CA LYS F 35 9.78 2.16 21.13
C LYS F 35 9.90 1.83 19.63
N GLU F 36 9.33 2.68 18.77
CA GLU F 36 9.46 2.52 17.30
C GLU F 36 9.49 3.89 16.63
N GLN F 37 10.51 4.14 15.81
CA GLN F 37 10.55 5.28 14.87
C GLN F 37 10.04 4.78 13.51
N MET F 38 8.90 5.29 13.06
CA MET F 38 8.32 4.98 11.73
C MET F 38 9.00 5.87 10.67
N GLY F 39 8.78 5.54 9.40
CA GLY F 39 9.38 6.19 8.23
C GLY F 39 9.13 7.68 8.22
N VAL F 40 10.18 8.46 7.92
CA VAL F 40 10.21 9.96 7.86
C VAL F 40 9.23 10.47 6.79
N ASN F 41 8.93 9.67 5.76
CA ASN F 41 8.01 10.04 4.65
C ASN F 41 7.15 8.84 4.26
N PRO F 42 6.07 9.05 3.47
CA PRO F 42 5.19 7.94 3.08
C PRO F 42 5.85 6.90 2.18
N GLU F 43 6.97 7.23 1.52
CA GLU F 43 7.63 6.34 0.52
C GLU F 43 8.65 5.40 1.18
N GLU F 44 9.26 5.81 2.30
CA GLU F 44 10.25 4.97 3.02
C GLU F 44 9.63 3.60 3.37
N MET F 45 8.41 3.60 3.91
CA MET F 45 7.63 2.39 4.28
C MET F 45 8.52 1.48 5.13
N GLN F 46 9.18 2.03 6.13
CA GLN F 46 10.00 1.25 7.09
C GLN F 46 9.75 1.76 8.51
N THR F 47 9.90 0.86 9.49
CA THR F 47 9.88 1.14 10.94
C THR F 47 11.15 0.58 11.58
N MET F 48 11.75 1.33 12.51
CA MET F 48 12.83 0.83 13.39
C MET F 48 12.25 0.60 14.79
N TYR F 49 12.31 -0.65 15.27
CA TYR F 49 11.82 -1.07 16.61
C TYR F 49 13.00 -1.11 17.58
N TYR F 50 12.90 -0.33 18.66
CA TYR F 50 13.85 -0.33 19.80
C TYR F 50 13.24 -1.13 20.94
N LEU F 51 13.79 -2.31 21.20
CA LEU F 51 13.35 -3.23 22.27
C LEU F 51 14.39 -3.30 23.39
N THR F 52 13.93 -3.30 24.63
CA THR F 52 14.65 -3.90 25.79
C THR F 52 13.89 -5.18 26.17
N LEU F 53 14.65 -6.28 26.29
CA LEU F 53 14.08 -7.62 26.56
C LEU F 53 14.95 -8.33 27.59
N GLU F 54 14.33 -9.30 28.25
CA GLU F 54 14.99 -10.21 29.20
C GLU F 54 15.08 -11.59 28.54
N ALA F 55 16.28 -12.17 28.55
CA ALA F 55 16.56 -13.55 28.09
C ALA F 55 17.44 -14.25 29.13
N LYS F 56 17.28 -15.58 29.26
CA LYS F 56 18.14 -16.44 30.12
C LYS F 56 19.41 -16.79 29.32
N ASP F 57 20.57 -16.63 29.95
CA ASP F 57 21.90 -17.06 29.43
C ASP F 57 22.50 -18.03 30.47
N GLY F 58 22.19 -19.33 30.33
CA GLY F 58 22.63 -20.36 31.28
C GLY F 58 21.97 -20.20 32.62
N GLY F 59 20.63 -20.07 32.63
CA GLY F 59 19.81 -20.05 33.85
C GLY F 59 20.00 -18.79 34.69
N LYS F 60 20.57 -17.72 34.12
CA LYS F 60 20.62 -16.39 34.80
C LYS F 60 19.97 -15.35 33.86
N LYS F 61 19.04 -14.57 34.42
CA LYS F 61 18.15 -13.65 33.67
C LYS F 61 18.83 -12.29 33.48
N LYS F 62 19.22 -11.98 32.25
CA LYS F 62 19.91 -10.72 31.87
C LYS F 62 19.02 -9.89 30.91
N LEU F 63 19.31 -8.60 30.78
CA LEU F 63 18.59 -7.67 29.87
C LEU F 63 19.47 -7.35 28.66
N TYR F 64 18.82 -7.07 27.54
CA TYR F 64 19.48 -6.83 26.23
C TYR F 64 18.75 -5.69 25.51
N GLU F 65 19.49 -4.90 24.74
CA GLU F 65 18.93 -3.90 23.80
C GLU F 65 19.03 -4.48 22.38
N ALA F 66 17.91 -4.57 21.67
CA ALA F 66 17.80 -5.08 20.28
C ALA F 66 17.18 -3.99 19.41
N LYS F 67 17.79 -3.73 18.24
CA LYS F 67 17.23 -2.88 17.16
C LYS F 67 16.79 -3.81 16.01
N VAL F 68 15.49 -3.86 15.72
CA VAL F 68 14.90 -4.69 14.63
C VAL F 68 14.32 -3.77 13.56
N TRP F 69 14.84 -3.89 12.33
CA TRP F 69 14.39 -3.07 11.16
C TRP F 69 13.32 -3.83 10.40
N VAL F 70 12.26 -3.12 9.99
CA VAL F 70 11.13 -3.72 9.23
C VAL F 70 10.87 -2.86 7.98
N LYS F 71 11.15 -3.41 6.80
CA LYS F 71 10.87 -2.79 5.49
C LYS F 71 9.61 -3.46 4.93
N TRP F 72 8.57 -2.69 4.63
CA TRP F 72 7.33 -3.24 4.03
C TRP F 72 7.07 -2.64 2.64
N TRP F 73 6.19 -3.28 1.88
CA TRP F 73 5.84 -2.93 0.48
C TRP F 73 4.51 -3.57 0.12
N TRP F 74 3.91 -3.12 -0.97
CA TRP F 74 2.66 -3.73 -1.49
C TRP F 74 3.02 -4.96 -2.32
N GLY F 75 2.74 -6.15 -1.76
CA GLY F 75 2.96 -7.44 -2.41
C GLY F 75 1.75 -7.83 -3.23
N PHE F 76 1.57 -9.13 -3.47
CA PHE F 76 0.49 -9.68 -4.31
C PHE F 76 -0.78 -9.80 -3.47
N HIS F 77 -1.57 -8.71 -3.45
CA HIS F 77 -2.91 -8.58 -2.81
C HIS F 77 -2.76 -8.51 -1.28
N ILE F 78 -1.56 -8.24 -0.78
CA ILE F 78 -1.24 -8.21 0.67
C ILE F 78 -0.12 -7.19 0.89
N TRP F 79 -0.04 -6.64 2.10
CA TRP F 79 1.18 -5.99 2.62
C TRP F 79 2.18 -7.10 2.96
N ASP F 80 3.43 -6.91 2.55
CA ASP F 80 4.52 -7.89 2.77
C ASP F 80 5.64 -7.09 3.42
N ASN F 81 6.61 -7.76 4.04
CA ASN F 81 7.70 -7.06 4.75
C ASN F 81 8.93 -7.95 4.83
N PHE F 82 10.05 -7.33 5.11
CA PHE F 82 11.34 -7.97 5.46
C PHE F 82 11.75 -7.46 6.85
N LYS F 83 12.00 -8.37 7.78
CA LYS F 83 12.46 -8.07 9.17
C LYS F 83 13.95 -8.38 9.24
N GLU F 84 14.76 -7.50 9.86
CA GLU F 84 16.23 -7.69 10.04
C GLU F 84 16.69 -7.14 11.39
N LEU F 85 17.41 -7.99 12.14
CA LEU F 85 18.10 -7.61 13.39
C LEU F 85 19.31 -6.74 13.05
N GLN F 86 19.33 -5.49 13.52
CA GLN F 86 20.41 -4.49 13.29
C GLN F 86 21.43 -4.55 14.42
N GLU F 87 20.97 -4.63 15.68
CA GLU F 87 21.85 -4.53 16.88
C GLU F 87 21.28 -5.39 18.01
N PHE F 88 22.16 -6.02 18.78
CA PHE F 88 21.80 -6.87 19.95
C PHE F 88 22.96 -6.88 20.94
N LYS F 89 22.86 -6.05 21.99
CA LYS F 89 23.95 -5.86 22.98
C LYS F 89 23.39 -5.99 24.40
N PRO F 90 24.22 -6.47 25.35
CA PRO F 90 23.92 -6.35 26.79
C PRO F 90 23.63 -4.91 27.22
N VAL F 91 22.71 -4.75 28.19
CA VAL F 91 22.47 -3.48 28.95
C VAL F 91 22.69 -3.79 30.44
N SER G 4 8.14 15.37 -16.48
CA SER G 4 8.18 16.40 -17.58
C SER G 4 7.24 17.57 -17.21
N LEU G 5 6.14 17.29 -16.51
CA LEU G 5 5.25 18.31 -15.88
C LEU G 5 6.07 19.16 -14.91
N GLU G 6 6.76 18.50 -13.98
CA GLU G 6 7.75 19.14 -13.07
C GLU G 6 8.81 19.91 -13.87
N ILE G 7 9.28 19.35 -14.99
CA ILE G 7 10.35 19.98 -15.82
C ILE G 7 9.80 21.27 -16.47
N GLU G 8 8.55 21.25 -16.92
CA GLU G 8 7.86 22.42 -17.55
C GLU G 8 7.65 23.51 -16.48
N GLU G 9 7.38 23.10 -15.24
CA GLU G 9 7.13 24.02 -14.09
C GLU G 9 8.44 24.69 -13.66
N LEU G 10 9.56 23.96 -13.65
CA LEU G 10 10.91 24.45 -13.25
C LEU G 10 11.41 25.50 -14.26
N ALA G 11 11.26 25.22 -15.55
CA ALA G 11 11.69 26.11 -16.65
C ALA G 11 10.89 27.41 -16.56
N ARG G 12 9.58 27.30 -16.29
CA ARG G 12 8.67 28.45 -16.12
C ARG G 12 9.13 29.25 -14.90
N PHE G 13 9.43 28.56 -13.79
CA PHE G 13 9.98 29.19 -12.56
C PHE G 13 11.30 29.89 -12.90
N ALA G 14 12.23 29.20 -13.57
CA ALA G 14 13.53 29.74 -14.01
C ALA G 14 13.34 31.12 -14.66
N VAL G 15 12.44 31.22 -15.64
CA VAL G 15 12.17 32.48 -16.40
C VAL G 15 11.57 33.54 -15.46
N ASP G 16 10.51 33.18 -14.72
CA ASP G 16 9.83 34.08 -13.75
C ASP G 16 10.86 34.64 -12.78
N GLU G 17 11.69 33.77 -12.21
CA GLU G 17 12.72 34.11 -11.19
C GLU G 17 13.79 35.00 -11.84
N HIS G 18 14.33 34.62 -13.01
CA HIS G 18 15.28 35.46 -13.79
C HIS G 18 14.67 36.84 -14.08
N ASN G 19 13.41 36.88 -14.53
CA ASN G 19 12.66 38.11 -14.85
C ASN G 19 12.63 39.04 -13.63
N LYS G 20 12.51 38.45 -12.44
CA LYS G 20 12.39 39.14 -11.13
C LYS G 20 13.73 39.77 -10.72
N LYS G 21 14.81 38.98 -10.74
CA LYS G 21 16.14 39.35 -10.17
C LYS G 21 16.90 40.31 -11.09
N GLU G 22 16.47 40.51 -12.34
CA GLU G 22 17.25 41.28 -13.34
C GLU G 22 16.35 42.19 -14.19
N ASN G 23 15.15 42.53 -13.69
CA ASN G 23 14.15 43.37 -14.40
C ASN G 23 14.22 43.06 -15.90
N ALA G 24 13.94 41.82 -16.28
CA ALA G 24 13.71 41.40 -17.67
C ALA G 24 12.26 40.95 -17.81
N LEU G 25 11.76 40.97 -19.04
CA LEU G 25 10.39 40.52 -19.41
C LEU G 25 10.50 39.39 -20.44
N LEU G 26 11.26 38.34 -20.14
CA LEU G 26 11.29 37.10 -20.96
C LEU G 26 9.95 36.37 -20.78
N GLU G 27 9.41 35.83 -21.88
CA GLU G 27 8.20 35.01 -21.92
C GLU G 27 8.60 33.57 -22.24
N PHE G 28 8.37 32.64 -21.30
CA PHE G 28 8.74 31.21 -21.46
C PHE G 28 7.90 30.63 -22.59
N VAL G 29 8.54 29.87 -23.49
CA VAL G 29 7.88 29.21 -24.66
C VAL G 29 7.88 27.69 -24.42
N ARG G 30 9.06 27.06 -24.31
CA ARG G 30 9.18 25.58 -24.20
C ARG G 30 10.55 25.21 -23.62
N VAL G 31 10.63 24.01 -23.05
CA VAL G 31 11.89 23.29 -22.74
C VAL G 31 12.35 22.63 -24.04
N VAL G 32 13.64 22.68 -24.38
CA VAL G 32 14.19 21.95 -25.58
C VAL G 32 14.97 20.73 -25.09
N LYS G 33 15.74 20.84 -24.01
CA LYS G 33 16.44 19.67 -23.40
C LYS G 33 16.54 19.88 -21.89
N ALA G 34 16.27 18.81 -21.15
CA ALA G 34 16.35 18.74 -19.67
C ALA G 34 17.33 17.63 -19.28
N LYS G 35 18.32 17.98 -18.46
CA LYS G 35 19.24 17.05 -17.77
C LYS G 35 19.04 17.24 -16.26
N GLU G 36 19.04 16.14 -15.50
CA GLU G 36 19.07 16.12 -14.02
C GLU G 36 20.35 15.42 -13.57
N GLN G 37 21.17 16.09 -12.74
CA GLN G 37 22.22 15.42 -11.90
C GLN G 37 21.66 15.31 -10.49
N MET G 38 21.32 14.09 -10.06
CA MET G 38 20.62 13.83 -8.77
C MET G 38 21.66 13.76 -7.64
N GLY G 39 21.19 13.89 -6.39
CA GLY G 39 21.98 14.07 -5.16
C GLY G 39 23.12 13.07 -5.02
N VAL G 40 24.13 13.44 -4.22
CA VAL G 40 25.35 12.63 -3.93
C VAL G 40 24.91 11.27 -3.35
N ASN G 41 23.81 11.26 -2.59
CA ASN G 41 23.13 10.03 -2.10
C ASN G 41 21.62 10.25 -2.10
N PRO G 42 20.80 9.19 -2.30
CA PRO G 42 19.34 9.33 -2.42
C PRO G 42 18.61 9.97 -1.22
N GLU G 43 19.13 9.78 0.00
CA GLU G 43 18.48 10.22 1.26
C GLU G 43 18.46 11.76 1.34
N GLU G 44 19.45 12.44 0.74
CA GLU G 44 19.49 13.92 0.60
C GLU G 44 18.14 14.43 0.07
N MET G 45 17.64 13.82 -1.01
CA MET G 45 16.42 14.21 -1.76
C MET G 45 16.62 15.60 -2.40
N GLN G 46 17.85 15.90 -2.82
CA GLN G 46 18.20 17.14 -3.56
C GLN G 46 18.52 16.75 -5.01
N THR G 47 17.98 17.51 -5.97
CA THR G 47 18.21 17.31 -7.43
C THR G 47 18.67 18.64 -8.04
N MET G 48 19.75 18.62 -8.83
CA MET G 48 20.21 19.79 -9.63
C MET G 48 19.72 19.63 -11.07
N TYR G 49 18.92 20.57 -11.57
CA TYR G 49 18.34 20.55 -12.94
C TYR G 49 19.11 21.48 -13.88
N TYR G 50 19.60 20.93 -15.00
CA TYR G 50 20.18 21.70 -16.13
C TYR G 50 19.14 21.72 -17.26
N LEU G 51 18.58 22.90 -17.53
CA LEU G 51 17.47 23.12 -18.48
C LEU G 51 17.97 24.02 -19.62
N THR G 52 17.69 23.65 -20.86
CA THR G 52 17.81 24.54 -22.04
C THR G 52 16.39 24.89 -22.47
N LEU G 53 16.07 26.18 -22.56
CA LEU G 53 14.68 26.62 -22.80
C LEU G 53 14.65 27.76 -23.83
N GLU G 54 13.55 27.81 -24.57
CA GLU G 54 13.17 28.89 -25.50
C GLU G 54 12.36 29.92 -24.72
N ALA G 55 12.66 31.21 -24.91
CA ALA G 55 11.89 32.34 -24.36
C ALA G 55 11.88 33.48 -25.38
N LYS G 56 10.76 34.21 -25.48
CA LYS G 56 10.60 35.40 -26.35
C LYS G 56 11.10 36.62 -25.59
N ASP G 57 12.18 37.25 -26.08
CA ASP G 57 12.78 38.49 -25.53
C ASP G 57 12.46 39.62 -26.51
N GLY G 58 11.47 40.46 -26.17
CA GLY G 58 10.97 41.53 -27.06
C GLY G 58 10.50 40.99 -28.40
N GLY G 59 9.76 39.88 -28.40
CA GLY G 59 9.13 39.31 -29.60
C GLY G 59 10.08 38.50 -30.49
N LYS G 60 11.36 38.36 -30.10
CA LYS G 60 12.34 37.45 -30.77
C LYS G 60 12.64 36.24 -29.86
N LYS G 61 12.62 35.04 -30.43
CA LYS G 61 12.80 33.74 -29.71
C LYS G 61 14.27 33.39 -29.55
N LYS G 62 14.85 33.65 -28.37
CA LYS G 62 16.24 33.26 -27.99
C LYS G 62 16.20 32.00 -27.12
N LEU G 63 17.37 31.42 -26.83
CA LEU G 63 17.55 30.16 -26.04
C LEU G 63 18.42 30.48 -24.83
N TYR G 64 18.20 29.79 -23.71
CA TYR G 64 18.83 30.09 -22.40
C TYR G 64 19.15 28.78 -21.66
N GLU G 65 20.29 28.77 -20.97
CA GLU G 65 20.70 27.72 -20.00
C GLU G 65 20.30 28.16 -18.59
N ALA G 66 19.32 27.47 -17.99
CA ALA G 66 18.90 27.64 -16.58
C ALA G 66 19.42 26.46 -15.75
N LYS G 67 19.94 26.74 -14.56
CA LYS G 67 20.32 25.72 -13.55
C LYS G 67 19.46 25.95 -12.30
N VAL G 68 18.63 24.98 -11.90
CA VAL G 68 17.67 25.13 -10.76
C VAL G 68 17.96 24.02 -9.74
N TRP G 69 18.40 24.40 -8.53
CA TRP G 69 18.54 23.49 -7.36
C TRP G 69 17.16 23.29 -6.76
N VAL G 70 16.75 22.03 -6.55
CA VAL G 70 15.50 21.63 -5.82
C VAL G 70 15.91 20.73 -4.65
N LYS G 71 15.46 21.07 -3.43
CA LYS G 71 15.58 20.22 -2.22
C LYS G 71 14.17 19.90 -1.72
N TRP G 72 13.82 18.62 -1.68
CA TRP G 72 12.50 18.11 -1.20
C TRP G 72 12.57 17.80 0.30
N TRP G 73 11.42 17.82 0.98
CA TRP G 73 11.26 17.31 2.37
C TRP G 73 9.78 16.97 2.61
N TRP G 74 9.50 16.13 3.60
CA TRP G 74 8.13 15.68 3.91
C TRP G 74 7.42 16.74 4.77
N GLY G 75 6.42 17.42 4.20
CA GLY G 75 5.56 18.41 4.87
C GLY G 75 4.52 17.73 5.74
N PHE G 76 3.61 18.49 6.35
CA PHE G 76 2.72 18.01 7.45
C PHE G 76 1.67 17.01 6.92
N HIS G 77 1.26 17.13 5.64
CA HIS G 77 0.43 16.11 4.96
C HIS G 77 0.71 16.07 3.44
N ILE G 78 1.78 16.73 3.00
CA ILE G 78 2.18 16.86 1.55
C ILE G 78 3.71 16.93 1.48
N TRP G 79 4.27 16.65 0.31
CA TRP G 79 5.70 16.93 -0.02
C TRP G 79 5.87 18.43 -0.29
N ASP G 80 6.82 19.06 0.42
CA ASP G 80 7.27 20.47 0.19
C ASP G 80 8.64 20.44 -0.50
N ASN G 81 9.07 21.58 -1.05
CA ASN G 81 10.43 21.73 -1.61
C ASN G 81 10.89 23.19 -1.54
N PHE G 82 12.15 23.43 -1.85
CA PHE G 82 12.74 24.76 -2.07
C PHE G 82 13.50 24.76 -3.41
N LYS G 83 13.11 25.66 -4.32
CA LYS G 83 13.74 25.82 -5.66
C LYS G 83 14.54 27.14 -5.68
N GLU G 84 15.74 27.12 -6.25
CA GLU G 84 16.63 28.31 -6.37
C GLU G 84 17.31 28.31 -7.74
N LEU G 85 17.10 29.37 -8.52
CA LEU G 85 17.85 29.65 -9.76
C LEU G 85 19.31 29.97 -9.39
N GLN G 86 20.26 29.17 -9.87
CA GLN G 86 21.72 29.31 -9.63
C GLN G 86 22.38 30.07 -10.78
N GLU G 87 22.00 29.74 -12.03
CA GLU G 87 22.49 30.40 -13.27
C GLU G 87 21.34 30.53 -14.27
N PHE G 88 21.34 31.61 -15.04
CA PHE G 88 20.44 31.84 -16.20
C PHE G 88 21.17 32.74 -17.20
N LYS G 89 21.73 32.16 -18.26
CA LYS G 89 22.56 32.90 -19.24
C LYS G 89 22.16 32.49 -20.66
N PRO G 90 22.09 33.45 -21.61
CA PRO G 90 21.81 33.13 -23.01
C PRO G 90 22.86 32.17 -23.58
N VAL G 91 22.48 31.39 -24.59
CA VAL G 91 23.34 30.36 -25.24
C VAL G 91 23.02 30.34 -26.73
N SER H 4 -3.09 -16.96 -15.39
CA SER H 4 -2.64 -18.26 -15.97
C SER H 4 -1.98 -19.12 -14.88
N LEU H 5 -1.38 -18.48 -13.88
CA LEU H 5 -0.69 -19.14 -12.73
C LEU H 5 -1.73 -19.81 -11.82
N GLU H 6 -2.72 -19.05 -11.36
CA GLU H 6 -3.90 -19.54 -10.60
C GLU H 6 -4.71 -20.50 -11.49
N ILE H 7 -4.75 -20.27 -12.81
CA ILE H 7 -5.56 -21.11 -13.75
C ILE H 7 -4.90 -22.48 -13.89
N GLU H 8 -3.57 -22.56 -14.00
CA GLU H 8 -2.81 -23.83 -14.18
C GLU H 8 -2.92 -24.68 -12.90
N GLU H 9 -2.92 -24.04 -11.73
CA GLU H 9 -3.02 -24.72 -10.42
C GLU H 9 -4.46 -25.22 -10.20
N LEU H 10 -5.45 -24.51 -10.73
CA LEU H 10 -6.89 -24.85 -10.64
C LEU H 10 -7.21 -26.06 -11.51
N ALA H 11 -6.64 -26.14 -12.71
CA ALA H 11 -6.77 -27.27 -13.64
C ALA H 11 -6.13 -28.51 -13.02
N ARG H 12 -4.91 -28.38 -12.50
CA ARG H 12 -4.17 -29.48 -11.82
C ARG H 12 -5.01 -29.97 -10.65
N PHE H 13 -5.47 -29.06 -9.80
CA PHE H 13 -6.38 -29.35 -8.66
C PHE H 13 -7.63 -30.09 -9.17
N ALA H 14 -8.23 -29.62 -10.26
CA ALA H 14 -9.44 -30.25 -10.84
C ALA H 14 -9.15 -31.72 -11.18
N VAL H 15 -7.99 -32.00 -11.79
CA VAL H 15 -7.59 -33.39 -12.16
C VAL H 15 -7.36 -34.20 -10.87
N ASP H 16 -6.61 -33.65 -9.93
CA ASP H 16 -6.30 -34.29 -8.61
C ASP H 16 -7.62 -34.61 -7.90
N GLU H 17 -8.52 -33.62 -7.80
CA GLU H 17 -9.82 -33.71 -7.09
C GLU H 17 -10.76 -34.68 -7.82
N HIS H 18 -10.85 -34.60 -9.14
CA HIS H 18 -11.69 -35.52 -9.96
C HIS H 18 -11.33 -36.97 -9.64
N ASN H 19 -10.06 -37.29 -9.74
CA ASN H 19 -9.57 -38.69 -9.85
C ASN H 19 -9.43 -39.26 -8.43
N LYS H 20 -9.58 -38.42 -7.40
CA LYS H 20 -9.75 -38.79 -5.97
C LYS H 20 -11.23 -39.14 -5.71
N LYS H 21 -12.15 -38.31 -6.22
CA LYS H 21 -13.63 -38.44 -6.03
C LYS H 21 -14.15 -39.64 -6.83
N GLU H 22 -13.54 -39.94 -7.97
CA GLU H 22 -14.03 -40.97 -8.94
C GLU H 22 -13.00 -42.09 -9.08
N ASN H 23 -12.06 -42.20 -8.15
CA ASN H 23 -11.02 -43.27 -8.10
C ASN H 23 -10.45 -43.48 -9.51
N ALA H 24 -9.84 -42.43 -10.08
CA ALA H 24 -9.22 -42.44 -11.44
C ALA H 24 -7.77 -41.93 -11.35
N LEU H 25 -7.00 -42.16 -12.42
CA LEU H 25 -5.55 -41.82 -12.53
C LEU H 25 -5.30 -40.97 -13.77
N LEU H 26 -5.94 -39.81 -13.89
CA LEU H 26 -5.66 -38.85 -15.00
C LEU H 26 -4.37 -38.09 -14.67
N GLU H 27 -3.50 -37.89 -15.67
CA GLU H 27 -2.30 -37.03 -15.60
C GLU H 27 -2.60 -35.70 -16.30
N PHE H 28 -2.62 -34.60 -15.55
CA PHE H 28 -2.81 -33.22 -16.07
C PHE H 28 -1.66 -32.87 -17.01
N VAL H 29 -1.97 -32.36 -18.21
CA VAL H 29 -0.98 -31.94 -19.25
C VAL H 29 -0.99 -30.42 -19.38
N ARG H 30 -2.13 -29.81 -19.73
CA ARG H 30 -2.21 -28.33 -19.88
C ARG H 30 -3.66 -27.85 -19.84
N VAL H 31 -3.81 -26.54 -19.66
CA VAL H 31 -5.07 -25.77 -19.90
C VAL H 31 -5.07 -25.36 -21.37
N VAL H 32 -6.12 -25.69 -22.13
CA VAL H 32 -6.25 -25.30 -23.56
C VAL H 32 -7.16 -24.07 -23.66
N LYS H 33 -7.98 -23.81 -22.65
CA LYS H 33 -8.91 -22.65 -22.62
C LYS H 33 -9.44 -22.47 -21.19
N ALA H 34 -9.55 -21.22 -20.72
CA ALA H 34 -10.00 -20.82 -19.37
C ALA H 34 -10.99 -19.66 -19.47
N LYS H 35 -12.16 -19.82 -18.85
CA LYS H 35 -13.21 -18.79 -18.69
C LYS H 35 -13.55 -18.66 -17.20
N GLU H 36 -13.71 -17.43 -16.71
CA GLU H 36 -14.12 -17.11 -15.31
C GLU H 36 -15.50 -16.47 -15.33
N GLN H 37 -16.49 -17.10 -14.66
CA GLN H 37 -17.83 -16.51 -14.39
C GLN H 37 -17.82 -15.96 -12.96
N MET H 38 -17.47 -14.68 -12.79
CA MET H 38 -17.27 -14.04 -11.46
C MET H 38 -18.64 -13.76 -10.82
N GLY H 39 -18.68 -13.64 -9.49
CA GLY H 39 -19.91 -13.63 -8.67
C GLY H 39 -20.75 -12.40 -8.92
N VAL H 40 -22.04 -12.46 -8.54
CA VAL H 40 -23.06 -11.39 -8.73
C VAL H 40 -22.46 -10.02 -8.39
N ASN H 41 -21.86 -9.89 -7.20
CA ASN H 41 -21.15 -8.66 -6.75
C ASN H 41 -19.76 -9.06 -6.25
N PRO H 42 -18.72 -8.22 -6.49
CA PRO H 42 -17.35 -8.55 -6.08
C PRO H 42 -17.14 -8.70 -4.56
N GLU H 43 -18.06 -8.16 -3.75
CA GLU H 43 -18.05 -8.29 -2.26
C GLU H 43 -18.14 -9.77 -1.87
N GLU H 44 -18.83 -10.58 -2.67
CA GLU H 44 -18.95 -12.07 -2.51
C GLU H 44 -17.56 -12.71 -2.52
N MET H 45 -16.72 -12.29 -3.48
CA MET H 45 -15.35 -12.82 -3.73
C MET H 45 -15.42 -14.32 -4.05
N GLN H 46 -16.49 -14.78 -4.68
CA GLN H 46 -16.61 -16.17 -5.19
C GLN H 46 -16.56 -16.13 -6.72
N THR H 47 -15.62 -16.88 -7.30
CA THR H 47 -15.40 -17.01 -8.76
C THR H 47 -15.74 -18.44 -9.19
N MET H 48 -16.52 -18.59 -10.27
CA MET H 48 -16.71 -19.90 -10.95
C MET H 48 -15.79 -19.96 -12.17
N TYR H 49 -14.74 -20.79 -12.11
CA TYR H 49 -13.79 -21.04 -13.23
C TYR H 49 -14.32 -22.18 -14.11
N TYR H 50 -14.52 -21.91 -15.40
CA TYR H 50 -14.74 -22.93 -16.45
C TYR H 50 -13.41 -23.18 -17.16
N LEU H 51 -12.90 -24.41 -17.09
CA LEU H 51 -11.58 -24.82 -17.65
C LEU H 51 -11.78 -25.95 -18.66
N THR H 52 -11.22 -25.81 -19.85
CA THR H 52 -10.99 -26.94 -20.77
C THR H 52 -9.52 -27.34 -20.59
N LEU H 53 -9.26 -28.60 -20.30
CA LEU H 53 -7.88 -29.05 -20.02
C LEU H 53 -7.62 -30.37 -20.73
N GLU H 54 -6.35 -30.57 -21.08
CA GLU H 54 -5.79 -31.82 -21.60
C GLU H 54 -5.34 -32.64 -20.39
N ALA H 55 -5.72 -33.92 -20.33
CA ALA H 55 -5.16 -34.91 -19.38
C ALA H 55 -4.96 -36.25 -20.10
N LYS H 56 -3.98 -37.03 -19.66
CA LYS H 56 -3.63 -38.36 -20.21
C LYS H 56 -4.38 -39.44 -19.41
N ASP H 57 -5.12 -40.29 -20.11
CA ASP H 57 -5.92 -41.42 -19.55
C ASP H 57 -5.45 -42.69 -20.26
N GLY H 58 -4.87 -43.64 -19.51
CA GLY H 58 -4.27 -44.86 -20.08
C GLY H 58 -3.23 -44.50 -21.14
N GLY H 59 -2.38 -43.53 -20.83
CA GLY H 59 -1.34 -43.00 -21.74
C GLY H 59 -1.90 -42.59 -23.10
N LYS H 60 -3.12 -42.05 -23.11
CA LYS H 60 -3.78 -41.44 -24.31
C LYS H 60 -4.23 -40.02 -23.94
N LYS H 61 -4.00 -39.05 -24.82
CA LYS H 61 -4.30 -37.61 -24.60
C LYS H 61 -5.78 -37.33 -24.87
N LYS H 62 -6.55 -37.01 -23.84
CA LYS H 62 -8.00 -36.68 -23.92
C LYS H 62 -8.23 -35.29 -23.31
N LEU H 63 -9.44 -34.74 -23.49
CA LEU H 63 -9.80 -33.37 -23.07
C LEU H 63 -11.08 -33.41 -22.23
N TYR H 64 -11.17 -32.50 -21.25
CA TYR H 64 -12.20 -32.51 -20.17
C TYR H 64 -12.60 -31.06 -19.89
N GLU H 65 -13.89 -30.85 -19.60
CA GLU H 65 -14.44 -29.57 -19.08
C GLU H 65 -14.59 -29.70 -17.56
N ALA H 66 -13.96 -28.80 -16.81
CA ALA H 66 -13.97 -28.73 -15.34
C ALA H 66 -14.56 -27.40 -14.88
N LYS H 67 -15.58 -27.45 -14.03
CA LYS H 67 -16.15 -26.25 -13.34
C LYS H 67 -15.62 -26.26 -11.91
N VAL H 68 -14.83 -25.26 -11.53
CA VAL H 68 -14.20 -25.15 -10.19
C VAL H 68 -14.71 -23.87 -9.51
N TRP H 69 -15.42 -24.02 -8.39
CA TRP H 69 -15.87 -22.91 -7.51
C TRP H 69 -14.75 -22.58 -6.52
N VAL H 70 -14.49 -21.28 -6.33
CA VAL H 70 -13.41 -20.74 -5.45
C VAL H 70 -14.03 -19.62 -4.60
N LYS H 71 -14.16 -19.83 -3.29
CA LYS H 71 -14.54 -18.78 -2.32
C LYS H 71 -13.25 -18.26 -1.68
N TRP H 72 -12.92 -16.99 -1.92
CA TRP H 72 -11.75 -16.29 -1.32
C TRP H 72 -12.21 -15.69 0.02
N TRP H 73 -11.27 -15.51 0.95
CA TRP H 73 -11.49 -14.75 2.20
C TRP H 73 -10.13 -14.29 2.72
N TRP H 74 -10.11 -13.25 3.55
CA TRP H 74 -8.87 -12.74 4.19
C TRP H 74 -8.51 -13.62 5.40
N GLY H 75 -7.51 -14.49 5.22
CA GLY H 75 -6.89 -15.30 6.30
C GLY H 75 -6.10 -14.41 7.25
N PHE H 76 -5.25 -15.00 8.08
CA PHE H 76 -4.64 -14.32 9.26
C PHE H 76 -3.44 -13.46 8.82
N HIS H 77 -2.58 -13.96 7.94
CA HIS H 77 -1.44 -13.20 7.35
C HIS H 77 -1.38 -13.41 5.84
N ILE H 78 -2.40 -14.03 5.26
CA ILE H 78 -2.39 -14.55 3.86
C ILE H 78 -3.82 -14.52 3.32
N TRP H 79 -3.97 -14.29 2.02
CA TRP H 79 -5.22 -14.56 1.26
C TRP H 79 -5.40 -16.08 1.19
N ASP H 80 -6.55 -16.56 1.67
CA ASP H 80 -6.89 -18.01 1.78
C ASP H 80 -8.09 -18.26 0.88
N ASN H 81 -8.40 -19.52 0.55
CA ASN H 81 -9.59 -19.84 -0.27
C ASN H 81 -10.02 -21.28 -0.03
N PHE H 82 -11.25 -21.58 -0.40
CA PHE H 82 -11.81 -22.95 -0.49
C PHE H 82 -12.09 -23.22 -1.98
N LYS H 83 -11.36 -24.17 -2.58
CA LYS H 83 -11.59 -24.65 -3.98
C LYS H 83 -12.47 -25.90 -3.90
N GLU H 84 -13.45 -26.03 -4.80
CA GLU H 84 -14.30 -27.25 -4.88
C GLU H 84 -14.57 -27.55 -6.37
N LEU H 85 -14.27 -28.77 -6.79
CA LEU H 85 -14.70 -29.33 -8.10
C LEU H 85 -16.22 -29.51 -8.09
N GLN H 86 -16.93 -28.75 -8.94
CA GLN H 86 -18.41 -28.78 -9.10
C GLN H 86 -18.79 -29.76 -10.23
N GLU H 87 -17.93 -29.92 -11.24
CA GLU H 87 -18.17 -30.78 -12.42
C GLU H 87 -16.83 -31.11 -13.09
N PHE H 88 -16.73 -32.31 -13.68
CA PHE H 88 -15.57 -32.79 -14.46
C PHE H 88 -16.04 -33.91 -15.39
N LYS H 89 -16.05 -33.66 -16.71
CA LYS H 89 -16.52 -34.64 -17.71
C LYS H 89 -15.74 -34.46 -19.00
N PRO H 90 -15.53 -35.55 -19.77
CA PRO H 90 -14.82 -35.47 -21.05
C PRO H 90 -15.68 -34.77 -22.10
N VAL H 91 -15.04 -34.25 -23.15
CA VAL H 91 -15.69 -33.43 -24.22
C VAL H 91 -15.16 -33.90 -25.58
#